data_2XWU
#
_entry.id   2XWU
#
_cell.length_a   68.700
_cell.length_b   126.800
_cell.length_c   184.000
_cell.angle_alpha   90.00
_cell.angle_beta   90.00
_cell.angle_gamma   90.00
#
_symmetry.space_group_name_H-M   'P 21 21 21'
#
loop_
_entity.id
_entity.type
_entity.pdbx_description
1 polymer 'SUMO-CONJUGATING ENZYME UBC9'
2 polymer IMPORTIN13
3 water water
#
loop_
_entity_poly.entity_id
_entity_poly.type
_entity_poly.pdbx_seq_one_letter_code
_entity_poly.pdbx_strand_id
1 'polypeptide(L)'
;MSGIALSRLAQERKAWRKDHPFGFVAVPTKNPDGTMNLMNWECAIPGKKGTPWEGGLFKLRMLFKDDYPSSPPKCKFEPP
LFHPNVYPSGTVCLSILEEDKDWRPAITIKQILLGIQELLNEPNIQDPAQAEAYTIYCQNRVEYEKRVRAQAKKFAPS
;
A
2 'polypeptide(L)'
;MERREEQPGAAGAGAAPALDFTVENVEKALHQLYYDPNIENKNLAQKWLMQAQVSPQAWHFSWQLLQPDKVPEIQYFGAS
ALHIKISRYWSDIPTDQYESLKAQLFTQITRFASGSKIVLTRLCVALASLALSMMPDAWPCAVADMVRLFQAEDSPVDGQ
GRCLALLELLTVLPEEFQTSRLPQYRKGLVRTSLAVECGAVFPLLEQLLQQPSSPSCVRQKVLKCFSSWVQLEVPLQDCE
ALIQAAFAALQDSELFDSSVEAIVNAISQPDAQRYVNTLLKLIPLVLGLQEQLRQAVQNGDMETSHGICRIAVALGENHS
RALLDQVEHWQSFLALVNMIMFCTGIPGHYPVNETTSSLTLTFWYTLQDDILSFEAEKQAVYQQVYRPVYFQLVDVLLHK
AQFPSDEEYGFWSSDEKEQFRIYRVDISDTLMYVYEMLGAELLSNLYDKLGRLLTSSEEPYSWQHTEALLYGFQSIAETI
DVNYSDVVPGLIGLIPRISISNVQLADTVMFTIGALSEWLADHPVMINSVLPLVLHALGNPELSVSSVSTLKKICRECKY
DLPPYAANIVAVSQDVLMKQIHKTSQCMWLMQALGFLLSALQVEEILKNLHSLISPYIQQLEKLAEEIPNPSNKLAIVHI
LGLLSNLFTTLDISHHEDDHEGPELRKLPVPQGPNPVVVVLQQVFQLIQKVLSKWLNDAQVVEAVCAIFEKSVKTLLDDF
APMVPQLCEMLGRMYSTIPQASALDLTRQLVHIFAHEPAHFPPIEALFLLVTSVTLTLFQQGPRDHPDIVDSFMQLLAQA
LKRKPDLFLCERLDVKAVFQCAVLALKFPEAPTVKASCGFFTELLPRCGEVESVGKVVQEDGRMLLIAVLEAIGGQASRS
LMDCFADILFALNKHCFSLLSMWIKEALQPPGFPSARLSPEQKDTFSQQILRERVNKRRVKEMVKEFTLLCRGLHGTDYT
ADY
;
B
#
# COMPACT_ATOMS: atom_id res chain seq x y z
N MET A 1 4.10 -2.44 14.27
CA MET A 1 4.15 -3.58 13.31
C MET A 1 3.65 -3.14 11.93
N SER A 2 2.89 -4.02 11.26
CA SER A 2 2.32 -3.77 9.93
C SER A 2 1.25 -2.71 9.98
N GLY A 3 0.52 -2.67 11.09
CA GLY A 3 -0.55 -1.71 11.26
C GLY A 3 -0.02 -0.31 11.40
N ILE A 4 1.09 -0.20 12.11
CA ILE A 4 1.78 1.09 12.36
C ILE A 4 2.18 1.73 11.02
N ALA A 5 2.67 0.89 10.11
CA ALA A 5 3.10 1.30 8.79
C ALA A 5 1.92 1.74 7.95
N LEU A 6 0.91 0.88 7.90
CA LEU A 6 -0.27 1.18 7.14
C LEU A 6 -0.93 2.51 7.54
N SER A 7 -0.93 2.83 8.83
CA SER A 7 -1.54 4.07 9.27
C SER A 7 -0.74 5.29 8.83
N ARG A 8 0.58 5.15 8.88
CA ARG A 8 1.48 6.20 8.47
C ARG A 8 1.40 6.37 6.96
N LEU A 9 1.16 5.29 6.22
CA LEU A 9 1.06 5.41 4.78
C LEU A 9 -0.23 6.07 4.36
N ALA A 10 -1.25 5.98 5.22
CA ALA A 10 -2.54 6.58 4.95
C ALA A 10 -2.38 8.07 5.11
N GLN A 11 -1.49 8.43 6.03
CA GLN A 11 -1.20 9.82 6.31
C GLN A 11 -0.39 10.39 5.16
N GLU A 12 0.62 9.67 4.71
CA GLU A 12 1.43 10.13 3.60
C GLU A 12 0.55 10.37 2.40
N ARG A 13 -0.42 9.49 2.17
CA ARG A 13 -1.32 9.65 1.03
C ARG A 13 -2.11 10.96 1.14
N LYS A 14 -2.66 11.22 2.32
CA LYS A 14 -3.44 12.42 2.55
C LYS A 14 -2.60 13.68 2.36
N ALA A 15 -1.33 13.64 2.77
CA ALA A 15 -0.47 14.81 2.62
C ALA A 15 -0.02 14.99 1.20
N TRP A 16 0.18 13.89 0.49
CA TRP A 16 0.61 13.99 -0.88
C TRP A 16 -0.49 14.56 -1.74
N ARG A 17 -1.75 14.25 -1.41
CA ARG A 17 -2.89 14.68 -2.20
C ARG A 17 -3.10 16.18 -2.19
N LYS A 18 -2.83 16.75 -1.01
CA LYS A 18 -2.99 18.17 -0.73
C LYS A 18 -1.74 19.00 -1.03
N ASP A 19 -0.59 18.33 -1.09
CA ASP A 19 0.68 19.01 -1.33
C ASP A 19 1.73 18.14 -2.03
N HIS A 20 1.93 18.40 -3.31
CA HIS A 20 2.91 17.68 -4.15
C HIS A 20 3.28 18.50 -5.38
N PRO A 21 4.56 18.43 -5.79
CA PRO A 21 5.16 19.11 -6.93
C PRO A 21 4.45 18.85 -8.25
N PHE A 22 4.21 19.94 -8.96
CA PHE A 22 3.57 19.87 -10.27
C PHE A 22 4.30 18.85 -11.16
N GLY A 23 3.52 17.99 -11.81
CA GLY A 23 4.13 17.00 -12.67
C GLY A 23 4.34 15.64 -12.04
N PHE A 24 4.51 15.58 -10.72
CA PHE A 24 4.71 14.29 -10.08
C PHE A 24 3.41 13.53 -9.89
N VAL A 25 3.53 12.22 -9.72
CA VAL A 25 2.38 11.37 -9.50
C VAL A 25 2.79 10.26 -8.53
N ALA A 26 2.00 10.06 -7.48
CA ALA A 26 2.27 9.00 -6.51
C ALA A 26 0.89 8.46 -6.21
N VAL A 27 0.70 7.18 -6.48
CA VAL A 27 -0.60 6.56 -6.26
C VAL A 27 -0.46 5.11 -5.80
N PRO A 28 -1.20 4.72 -4.75
CA PRO A 28 -1.17 3.35 -4.23
C PRO A 28 -1.80 2.46 -5.27
N THR A 29 -1.47 1.18 -5.24
CA THR A 29 -2.03 0.25 -6.20
C THR A 29 -3.21 -0.47 -5.56
N LYS A 30 -4.01 -1.19 -6.35
CA LYS A 30 -5.15 -1.92 -5.79
C LYS A 30 -4.84 -3.41 -5.73
N ASN A 31 -5.21 -4.05 -4.61
CA ASN A 31 -4.98 -5.47 -4.42
C ASN A 31 -5.90 -6.29 -5.32
N PRO A 32 -5.68 -7.62 -5.36
CA PRO A 32 -6.58 -8.40 -6.21
C PRO A 32 -7.97 -8.27 -5.61
N ASP A 33 -8.02 -8.13 -4.28
CA ASP A 33 -9.28 -7.98 -3.54
C ASP A 33 -10.01 -6.73 -4.01
N GLY A 34 -9.29 -5.85 -4.69
CA GLY A 34 -9.88 -4.62 -5.16
C GLY A 34 -9.61 -3.58 -4.09
N THR A 35 -9.13 -4.06 -2.94
CA THR A 35 -8.81 -3.19 -1.81
C THR A 35 -7.58 -2.36 -2.16
N MET A 36 -7.43 -1.19 -1.51
CA MET A 36 -6.28 -0.32 -1.78
C MET A 36 -5.00 -0.80 -1.08
N ASN A 37 -3.89 -0.82 -1.81
CA ASN A 37 -2.59 -1.26 -1.26
C ASN A 37 -1.61 -0.12 -1.01
N LEU A 38 -1.35 0.15 0.26
CA LEU A 38 -0.45 1.22 0.62
C LEU A 38 1.00 0.79 0.63
N MET A 39 1.25 -0.50 0.46
CA MET A 39 2.61 -1.01 0.48
C MET A 39 3.24 -0.97 -0.91
N ASN A 40 2.44 -0.67 -1.92
CA ASN A 40 2.98 -0.60 -3.27
C ASN A 40 2.39 0.58 -4.06
N TRP A 41 3.22 1.59 -4.29
CA TRP A 41 2.81 2.80 -5.02
C TRP A 41 3.41 2.94 -6.42
N GLU A 42 2.59 3.44 -7.35
CA GLU A 42 3.03 3.66 -8.72
C GLU A 42 3.26 5.16 -8.92
N CYS A 43 4.53 5.55 -9.01
CA CYS A 43 4.88 6.95 -9.17
C CYS A 43 5.56 7.25 -10.51
N ALA A 44 5.59 8.54 -10.84
CA ALA A 44 6.25 9.02 -12.06
C ALA A 44 6.86 10.39 -11.74
N ILE A 45 8.15 10.53 -12.03
CA ILE A 45 8.90 11.75 -11.79
C ILE A 45 9.26 12.47 -13.10
N PRO A 46 8.96 13.77 -13.18
CA PRO A 46 9.27 14.52 -14.39
C PRO A 46 10.71 15.03 -14.33
N GLY A 47 11.36 15.18 -15.49
CA GLY A 47 12.71 15.65 -15.50
C GLY A 47 12.73 17.13 -15.15
N LYS A 48 13.71 17.56 -14.37
CA LYS A 48 13.84 18.95 -13.97
C LYS A 48 13.92 19.84 -15.19
N LYS A 49 13.13 20.92 -15.18
CA LYS A 49 13.13 21.86 -16.28
C LYS A 49 14.50 22.50 -16.31
N GLY A 50 15.03 22.74 -17.51
CA GLY A 50 16.33 23.36 -17.60
C GLY A 50 17.51 22.40 -17.62
N THR A 51 17.23 21.09 -17.60
CA THR A 51 18.28 20.08 -17.62
C THR A 51 17.97 19.17 -18.82
N PRO A 52 18.89 18.27 -19.18
CA PRO A 52 18.72 17.35 -20.31
C PRO A 52 17.58 16.37 -20.09
N TRP A 53 17.16 16.28 -18.84
CA TRP A 53 16.08 15.38 -18.46
C TRP A 53 14.74 16.02 -18.73
N GLU A 54 14.73 17.34 -18.89
CA GLU A 54 13.48 18.03 -19.15
C GLU A 54 12.65 17.34 -20.23
N GLY A 55 11.34 17.35 -20.04
CA GLY A 55 10.43 16.74 -20.99
C GLY A 55 10.07 15.28 -20.77
N GLY A 56 10.96 14.53 -20.12
CA GLY A 56 10.68 13.13 -19.88
C GLY A 56 9.89 12.88 -18.61
N LEU A 57 9.09 11.82 -18.63
CA LEU A 57 8.31 11.42 -17.47
C LEU A 57 8.74 9.98 -17.14
N PHE A 58 9.50 9.84 -16.06
CA PHE A 58 10.07 8.55 -15.64
C PHE A 58 9.34 7.84 -14.52
N LYS A 59 8.68 6.72 -14.88
CA LYS A 59 7.91 5.91 -13.96
C LYS A 59 8.80 5.11 -13.02
N LEU A 60 8.36 4.97 -11.77
CA LEU A 60 9.11 4.20 -10.78
C LEU A 60 8.13 3.62 -9.76
N ARG A 61 8.49 2.49 -9.14
CA ARG A 61 7.61 1.86 -8.17
C ARG A 61 8.21 2.01 -6.77
N MET A 62 7.36 2.28 -5.78
CA MET A 62 7.78 2.45 -4.40
C MET A 62 7.20 1.31 -3.56
N LEU A 63 8.08 0.51 -2.95
CA LEU A 63 7.64 -0.63 -2.17
C LEU A 63 7.97 -0.51 -0.71
N PHE A 64 6.97 -0.73 0.13
CA PHE A 64 7.17 -0.64 1.57
C PHE A 64 7.19 -1.95 2.34
N LYS A 65 8.08 -2.01 3.31
CA LYS A 65 8.22 -3.18 4.15
C LYS A 65 7.36 -2.94 5.40
N ASP A 66 7.02 -4.01 6.13
CA ASP A 66 6.18 -3.85 7.31
C ASP A 66 6.78 -3.06 8.45
N ASP A 67 8.05 -2.69 8.33
CA ASP A 67 8.71 -1.93 9.39
C ASP A 67 8.75 -0.43 9.11
N TYR A 68 8.01 -0.02 8.06
CA TYR A 68 7.88 1.40 7.69
C TYR A 68 7.15 2.05 8.86
N PRO A 69 7.52 3.28 9.23
CA PRO A 69 8.57 4.06 8.58
C PRO A 69 9.95 3.93 9.21
N SER A 70 10.18 2.86 9.95
CA SER A 70 11.49 2.68 10.56
C SER A 70 12.55 2.41 9.51
N SER A 71 12.17 1.67 8.48
CA SER A 71 13.09 1.38 7.39
C SER A 71 12.57 2.03 6.11
N PRO A 72 13.45 2.73 5.39
CA PRO A 72 13.10 3.40 4.14
C PRO A 72 12.53 2.42 3.13
N PRO A 73 11.69 2.90 2.21
CA PRO A 73 11.09 2.06 1.18
C PRO A 73 12.03 1.86 -0.01
N LYS A 74 11.89 0.75 -0.72
CA LYS A 74 12.73 0.49 -1.89
C LYS A 74 12.13 1.14 -3.13
N CYS A 75 12.90 1.96 -3.84
CA CYS A 75 12.38 2.64 -5.04
C CYS A 75 12.97 2.01 -6.28
N LYS A 76 12.15 1.76 -7.29
CA LYS A 76 12.67 1.12 -8.48
C LYS A 76 12.03 1.63 -9.76
N PHE A 77 12.86 2.11 -10.69
CA PHE A 77 12.38 2.64 -11.97
C PHE A 77 11.94 1.52 -12.88
N GLU A 78 10.77 1.67 -13.50
CA GLU A 78 10.24 0.70 -14.44
C GLU A 78 9.86 1.39 -15.74
N PRO A 79 10.65 1.20 -16.80
CA PRO A 79 11.85 0.36 -16.91
C PRO A 79 13.13 0.98 -16.32
N PRO A 80 14.17 0.16 -16.16
CA PRO A 80 15.41 0.72 -15.62
C PRO A 80 15.88 1.86 -16.51
N LEU A 81 16.55 2.85 -15.91
CA LEU A 81 17.03 4.00 -16.68
C LEU A 81 18.53 4.04 -16.85
N PHE A 82 18.97 4.79 -17.85
CA PHE A 82 20.38 4.99 -18.08
C PHE A 82 20.73 6.06 -17.03
N HIS A 83 21.55 5.67 -16.05
CA HIS A 83 21.94 6.55 -14.96
C HIS A 83 22.95 5.93 -13.95
N PRO A 84 23.96 6.71 -13.53
CA PRO A 84 24.98 6.25 -12.60
C PRO A 84 24.55 5.58 -11.29
N ASN A 85 23.54 6.13 -10.63
CA ASN A 85 23.09 5.59 -9.36
C ASN A 85 21.90 4.64 -9.42
N VAL A 86 21.51 4.26 -10.62
CA VAL A 86 20.38 3.37 -10.82
C VAL A 86 20.88 1.99 -11.20
N TYR A 87 20.60 0.99 -10.37
CA TYR A 87 21.02 -0.39 -10.66
C TYR A 87 20.23 -0.89 -11.86
N PRO A 88 20.81 -1.82 -12.63
CA PRO A 88 20.16 -2.38 -13.82
C PRO A 88 18.80 -3.02 -13.53
N SER A 89 18.57 -3.35 -12.26
CA SER A 89 17.31 -3.92 -11.85
C SER A 89 16.27 -2.76 -11.82
N GLY A 90 16.76 -1.54 -11.67
CA GLY A 90 15.89 -0.40 -11.62
C GLY A 90 16.00 0.27 -10.25
N THR A 91 16.52 -0.45 -9.28
CA THR A 91 16.64 0.12 -7.94
C THR A 91 17.55 1.35 -7.90
N VAL A 92 17.07 2.37 -7.21
CA VAL A 92 17.78 3.63 -7.06
C VAL A 92 18.72 3.61 -5.89
N CYS A 93 19.95 4.00 -6.14
CA CYS A 93 20.92 4.04 -5.08
C CYS A 93 20.98 5.48 -4.56
N LEU A 94 20.33 5.74 -3.44
CA LEU A 94 20.29 7.08 -2.84
C LEU A 94 20.47 7.01 -1.31
N SER A 95 21.38 7.82 -0.75
CA SER A 95 21.64 7.76 0.69
C SER A 95 20.44 7.87 1.65
N ILE A 96 19.40 8.66 1.32
CA ILE A 96 18.25 8.76 2.21
C ILE A 96 17.37 7.50 2.17
N LEU A 97 17.58 6.68 1.15
CA LEU A 97 16.82 5.44 0.99
C LEU A 97 17.59 4.27 1.57
N GLU A 98 18.59 4.58 2.39
CA GLU A 98 19.42 3.57 3.03
C GLU A 98 19.18 3.74 4.53
N GLU A 99 18.67 2.69 5.17
CA GLU A 99 18.38 2.72 6.60
C GLU A 99 19.55 3.04 7.51
N ASP A 100 20.74 2.57 7.13
CA ASP A 100 21.96 2.79 7.91
C ASP A 100 22.73 4.07 7.53
N LYS A 101 22.19 4.87 6.60
CA LYS A 101 22.87 6.09 6.20
C LYS A 101 22.13 7.38 6.52
N ASP A 102 21.04 7.65 5.82
CA ASP A 102 20.36 8.92 6.06
C ASP A 102 18.86 8.89 6.29
N TRP A 103 18.24 7.79 5.86
CA TRP A 103 16.81 7.62 6.04
C TRP A 103 16.43 7.91 7.48
N ARG A 104 15.48 8.81 7.65
CA ARG A 104 14.98 9.15 8.96
C ARG A 104 13.51 8.79 8.86
N PRO A 105 12.96 8.18 9.89
CA PRO A 105 11.54 7.81 9.85
C PRO A 105 10.61 8.98 9.44
N ALA A 106 11.07 10.20 9.66
CA ALA A 106 10.31 11.41 9.37
C ALA A 106 10.20 11.81 7.89
N ILE A 107 11.14 11.34 7.08
CA ILE A 107 11.12 11.65 5.65
C ILE A 107 9.78 11.28 5.05
N THR A 108 9.25 12.19 4.23
CA THR A 108 7.95 11.99 3.59
C THR A 108 8.07 11.45 2.18
N ILE A 109 6.95 11.13 1.55
CA ILE A 109 6.97 10.65 0.17
C ILE A 109 7.31 11.81 -0.79
N LYS A 110 6.99 13.04 -0.39
CA LYS A 110 7.29 14.17 -1.23
C LYS A 110 8.80 14.34 -1.25
N GLN A 111 9.43 14.17 -0.09
CA GLN A 111 10.87 14.33 0.02
C GLN A 111 11.63 13.27 -0.78
N ILE A 112 11.24 12.01 -0.64
CA ILE A 112 11.89 10.92 -1.34
C ILE A 112 11.92 11.21 -2.84
N LEU A 113 10.73 11.43 -3.43
CA LEU A 113 10.61 11.71 -4.84
C LEU A 113 11.39 12.94 -5.30
N LEU A 114 11.35 14.01 -4.52
CA LEU A 114 12.12 15.19 -4.89
C LEU A 114 13.60 14.84 -4.82
N GLY A 115 13.97 14.04 -3.83
CA GLY A 115 15.35 13.64 -3.72
C GLY A 115 15.79 12.79 -4.92
N ILE A 116 14.89 11.97 -5.44
CA ILE A 116 15.25 11.16 -6.58
C ILE A 116 15.34 12.03 -7.83
N GLN A 117 14.42 12.99 -7.95
CA GLN A 117 14.43 13.86 -9.11
C GLN A 117 15.70 14.70 -9.17
N GLU A 118 16.24 15.04 -8.00
CA GLU A 118 17.44 15.83 -7.95
C GLU A 118 18.61 14.96 -8.38
N LEU A 119 18.61 13.71 -7.91
CA LEU A 119 19.64 12.73 -8.22
C LEU A 119 19.70 12.42 -9.71
N LEU A 120 18.61 12.66 -10.42
CA LEU A 120 18.61 12.41 -11.86
C LEU A 120 19.57 13.36 -12.53
N ASN A 121 19.39 14.65 -12.28
CA ASN A 121 20.26 15.64 -12.89
C ASN A 121 21.65 15.64 -12.31
N GLU A 122 21.77 15.23 -11.06
CA GLU A 122 23.07 15.18 -10.42
C GLU A 122 23.45 13.83 -9.82
N PRO A 123 24.19 13.02 -10.57
CA PRO A 123 24.64 11.69 -10.16
C PRO A 123 25.58 11.76 -8.96
N ASN A 124 25.36 10.94 -7.94
CA ASN A 124 26.29 10.94 -6.82
C ASN A 124 27.41 10.00 -7.24
N ILE A 125 28.63 10.54 -7.37
CA ILE A 125 29.77 9.72 -7.77
C ILE A 125 30.36 8.85 -6.67
N GLN A 126 29.84 8.98 -5.45
CA GLN A 126 30.36 8.17 -4.34
C GLN A 126 29.93 6.70 -4.46
N ASP A 127 28.92 6.42 -5.28
CA ASP A 127 28.48 5.04 -5.45
C ASP A 127 27.92 4.64 -6.82
N PRO A 128 28.67 3.81 -7.53
CA PRO A 128 28.37 3.28 -8.87
C PRO A 128 27.43 2.08 -8.82
N ALA A 129 26.35 2.16 -9.60
CA ALA A 129 25.33 1.11 -9.67
C ALA A 129 25.22 0.61 -11.10
N GLN A 130 25.74 1.41 -12.01
CA GLN A 130 25.74 1.04 -13.41
C GLN A 130 27.15 1.34 -13.92
N ALA A 131 27.82 0.31 -14.42
CA ALA A 131 29.19 0.49 -14.89
C ALA A 131 29.38 1.46 -16.04
N GLU A 132 28.56 1.31 -17.06
CA GLU A 132 28.71 2.15 -18.22
C GLU A 132 28.28 3.58 -18.01
N ALA A 133 27.05 3.76 -17.56
CA ALA A 133 26.58 5.11 -17.36
C ALA A 133 27.46 5.86 -16.38
N TYR A 134 27.86 5.18 -15.31
CA TYR A 134 28.70 5.79 -14.31
C TYR A 134 30.06 6.08 -14.88
N THR A 135 30.51 5.28 -15.84
CA THR A 135 31.81 5.54 -16.41
C THR A 135 31.69 6.66 -17.41
N ILE A 136 30.73 6.57 -18.32
CA ILE A 136 30.55 7.61 -19.31
C ILE A 136 30.34 8.98 -18.67
N TYR A 137 29.68 9.03 -17.51
CA TYR A 137 29.49 10.32 -16.84
C TYR A 137 30.81 10.97 -16.40
N CYS A 138 31.77 10.15 -15.96
CA CYS A 138 33.07 10.66 -15.53
C CYS A 138 34.03 10.81 -16.71
N GLN A 139 34.07 9.78 -17.54
CA GLN A 139 34.98 9.76 -18.68
C GLN A 139 34.65 10.68 -19.84
N ASN A 140 33.40 10.71 -20.28
CA ASN A 140 33.03 11.56 -21.40
C ASN A 140 31.64 12.19 -21.20
N ARG A 141 31.61 13.37 -20.60
CA ARG A 141 30.33 14.01 -20.30
C ARG A 141 29.45 14.37 -21.48
N VAL A 142 30.05 14.65 -22.62
CA VAL A 142 29.32 15.03 -23.81
C VAL A 142 28.47 13.89 -24.33
N GLU A 143 28.99 12.67 -24.22
CA GLU A 143 28.27 11.49 -24.67
C GLU A 143 27.17 11.19 -23.66
N TYR A 144 27.49 11.40 -22.39
CA TYR A 144 26.53 11.18 -21.32
C TYR A 144 25.25 11.98 -21.58
N GLU A 145 25.42 13.29 -21.69
CA GLU A 145 24.34 14.23 -21.93
C GLU A 145 23.58 13.89 -23.22
N LYS A 146 24.30 13.43 -24.25
CA LYS A 146 23.66 13.06 -25.52
C LYS A 146 22.68 11.91 -25.32
N ARG A 147 23.10 10.90 -24.58
CA ARG A 147 22.24 9.75 -24.32
C ARG A 147 21.08 10.10 -23.42
N VAL A 148 21.35 10.89 -22.38
CA VAL A 148 20.31 11.29 -21.44
C VAL A 148 19.21 12.07 -22.16
N ARG A 149 19.58 12.90 -23.14
CA ARG A 149 18.59 13.66 -23.88
C ARG A 149 17.76 12.73 -24.75
N ALA A 150 18.36 11.63 -25.18
CA ALA A 150 17.65 10.68 -26.01
C ALA A 150 16.66 9.96 -25.12
N GLN A 151 17.09 9.64 -23.91
CA GLN A 151 16.24 8.95 -22.96
C GLN A 151 15.04 9.85 -22.62
N ALA A 152 15.31 11.11 -22.34
CA ALA A 152 14.26 12.06 -22.02
C ALA A 152 13.23 12.11 -23.14
N LYS A 153 13.67 12.01 -24.39
CA LYS A 153 12.75 12.03 -25.53
C LYS A 153 11.98 10.69 -25.60
N LYS A 154 12.67 9.61 -25.22
CA LYS A 154 12.06 8.29 -25.23
C LYS A 154 10.89 8.18 -24.25
N PHE A 155 10.97 8.92 -23.15
CA PHE A 155 9.91 8.89 -22.14
C PHE A 155 9.04 10.15 -22.17
N ALA A 156 9.00 10.78 -23.32
CA ALA A 156 8.17 11.96 -23.50
C ALA A 156 6.74 11.45 -23.50
N PRO A 157 5.81 12.27 -23.03
CA PRO A 157 4.39 11.92 -22.97
C PRO A 157 3.75 11.82 -24.35
N SER A 158 2.82 10.89 -24.51
CA SER A 158 2.12 10.69 -25.78
C SER A 158 0.65 10.40 -25.54
N LEU B 19 45.84 -1.59 1.20
CA LEU B 19 47.33 -1.42 1.18
C LEU B 19 47.75 -0.21 2.03
N ASP B 20 48.63 0.62 1.46
CA ASP B 20 49.13 1.82 2.12
C ASP B 20 48.43 3.01 1.45
N PHE B 21 47.82 3.85 2.26
CA PHE B 21 47.07 4.99 1.75
C PHE B 21 47.84 6.29 1.52
N THR B 22 48.29 6.48 0.29
CA THR B 22 49.02 7.68 -0.05
C THR B 22 48.22 8.39 -1.14
N VAL B 23 48.51 9.65 -1.38
CA VAL B 23 47.83 10.39 -2.42
C VAL B 23 48.04 9.65 -3.74
N GLU B 24 49.24 9.11 -3.94
CA GLU B 24 49.53 8.39 -5.17
C GLU B 24 48.63 7.16 -5.34
N ASN B 25 48.52 6.34 -4.29
CA ASN B 25 47.73 5.11 -4.31
C ASN B 25 46.23 5.39 -4.29
N VAL B 26 45.79 6.31 -3.44
CA VAL B 26 44.38 6.65 -3.37
C VAL B 26 43.93 7.25 -4.68
N GLU B 27 44.82 7.99 -5.33
CA GLU B 27 44.53 8.62 -6.62
C GLU B 27 44.50 7.61 -7.76
N LYS B 28 45.24 6.52 -7.61
CA LYS B 28 45.23 5.51 -8.65
C LYS B 28 43.91 4.76 -8.54
N ALA B 29 43.44 4.53 -7.31
CA ALA B 29 42.18 3.81 -7.11
C ALA B 29 40.99 4.62 -7.61
N LEU B 30 41.07 5.94 -7.48
CA LEU B 30 39.99 6.78 -7.94
C LEU B 30 39.94 6.65 -9.45
N HIS B 31 41.09 6.67 -10.10
CA HIS B 31 41.07 6.52 -11.54
C HIS B 31 40.41 5.24 -12.01
N GLN B 32 40.67 4.15 -11.29
CA GLN B 32 40.14 2.85 -11.64
C GLN B 32 38.62 2.78 -11.51
N LEU B 33 38.12 3.31 -10.38
CA LEU B 33 36.69 3.36 -10.11
C LEU B 33 35.99 4.28 -11.10
N TYR B 34 36.56 5.45 -11.32
CA TYR B 34 35.95 6.40 -12.23
C TYR B 34 36.04 5.99 -13.68
N TYR B 35 37.19 5.50 -14.13
CA TYR B 35 37.27 5.18 -15.55
C TYR B 35 37.42 3.75 -16.02
N ASP B 36 37.72 2.83 -15.13
CA ASP B 36 37.83 1.43 -15.54
C ASP B 36 36.37 0.97 -15.74
N PRO B 37 35.99 0.62 -16.98
CA PRO B 37 34.65 0.17 -17.38
C PRO B 37 34.19 -1.10 -16.65
N ASN B 38 35.12 -1.92 -16.18
CA ASN B 38 34.73 -3.17 -15.54
C ASN B 38 34.27 -3.11 -14.09
N ILE B 39 33.00 -3.50 -13.89
CA ILE B 39 32.35 -3.52 -12.57
C ILE B 39 33.17 -4.16 -11.45
N GLU B 40 33.72 -5.34 -11.73
CA GLU B 40 34.54 -6.05 -10.75
C GLU B 40 35.58 -5.10 -10.15
N ASN B 41 36.41 -4.54 -11.02
CA ASN B 41 37.44 -3.62 -10.60
C ASN B 41 36.88 -2.49 -9.76
N LYS B 42 35.87 -1.82 -10.30
CA LYS B 42 35.23 -0.70 -9.62
C LYS B 42 34.89 -1.02 -8.18
N ASN B 43 34.21 -2.15 -8.00
CA ASN B 43 33.79 -2.61 -6.67
C ASN B 43 35.03 -2.79 -5.79
N LEU B 44 36.13 -3.22 -6.41
CA LEU B 44 37.37 -3.41 -5.68
C LEU B 44 37.88 -2.05 -5.23
N ALA B 45 37.98 -1.15 -6.20
CA ALA B 45 38.41 0.21 -5.96
C ALA B 45 37.50 0.87 -4.91
N GLN B 46 36.20 0.65 -5.01
CA GLN B 46 35.29 1.25 -4.04
C GLN B 46 35.57 0.79 -2.60
N LYS B 47 35.69 -0.52 -2.44
CA LYS B 47 35.95 -1.13 -1.15
C LYS B 47 37.31 -0.71 -0.61
N TRP B 48 38.30 -0.58 -1.49
CA TRP B 48 39.62 -0.17 -1.07
C TRP B 48 39.53 1.29 -0.60
N LEU B 49 38.74 2.10 -1.32
CA LEU B 49 38.59 3.52 -0.99
C LEU B 49 37.81 3.68 0.30
N MET B 50 36.87 2.78 0.55
CA MET B 50 36.11 2.84 1.79
C MET B 50 37.01 2.64 3.00
N GLN B 51 38.11 1.89 2.81
CA GLN B 51 39.05 1.62 3.89
C GLN B 51 39.93 2.86 4.04
N ALA B 52 40.33 3.41 2.90
CA ALA B 52 41.18 4.58 2.87
C ALA B 52 40.52 5.83 3.46
N GLN B 53 39.21 6.00 3.27
CA GLN B 53 38.48 7.18 3.78
C GLN B 53 38.38 7.26 5.29
N VAL B 54 38.43 6.11 5.94
CA VAL B 54 38.34 6.05 7.39
C VAL B 54 39.70 5.90 8.07
N SER B 55 40.72 5.57 7.28
CA SER B 55 42.08 5.40 7.80
C SER B 55 42.65 6.66 8.46
N PRO B 56 43.76 6.53 9.20
CA PRO B 56 44.36 7.69 9.85
C PRO B 56 45.05 8.55 8.79
N GLN B 57 45.43 7.89 7.69
CA GLN B 57 46.10 8.54 6.57
C GLN B 57 45.23 9.57 5.88
N ALA B 58 43.91 9.47 6.07
CA ALA B 58 42.97 10.40 5.44
C ALA B 58 43.18 11.78 5.96
N TRP B 59 43.45 11.89 7.25
CA TRP B 59 43.73 13.20 7.81
C TRP B 59 44.93 13.82 7.09
N HIS B 60 45.69 13.01 6.34
CA HIS B 60 46.85 13.53 5.64
C HIS B 60 46.69 13.62 4.11
N PHE B 61 46.10 12.62 3.47
CA PHE B 61 45.94 12.63 2.00
C PHE B 61 44.69 13.31 1.48
N SER B 62 43.76 13.63 2.36
CA SER B 62 42.55 14.28 1.90
C SER B 62 42.91 15.71 1.51
N TRP B 63 43.73 16.37 2.32
CA TRP B 63 44.10 17.72 2.00
C TRP B 63 44.91 17.76 0.70
N GLN B 64 45.66 16.69 0.43
CA GLN B 64 46.49 16.60 -0.77
C GLN B 64 45.66 16.37 -2.03
N LEU B 65 44.52 15.72 -1.89
CA LEU B 65 43.65 15.46 -3.04
C LEU B 65 42.89 16.74 -3.45
N LEU B 66 43.02 17.79 -2.64
CA LEU B 66 42.36 19.05 -2.93
C LEU B 66 43.20 19.95 -3.86
N GLN B 67 44.45 19.55 -4.08
CA GLN B 67 45.36 20.29 -4.95
C GLN B 67 44.75 20.54 -6.31
N PRO B 68 45.13 21.66 -6.97
CA PRO B 68 44.64 22.08 -8.29
C PRO B 68 44.89 21.09 -9.43
N ASP B 69 45.95 20.28 -9.33
CA ASP B 69 46.26 19.30 -10.37
C ASP B 69 45.26 18.12 -10.45
N LYS B 70 44.76 17.68 -9.28
CA LYS B 70 43.77 16.61 -9.19
C LYS B 70 42.51 17.13 -9.87
N VAL B 71 41.86 16.32 -10.69
CA VAL B 71 40.62 16.77 -11.35
C VAL B 71 39.50 16.86 -10.30
N PRO B 72 38.44 17.66 -10.58
CA PRO B 72 37.32 17.83 -9.65
C PRO B 72 36.84 16.56 -8.92
N GLU B 73 36.48 15.54 -9.69
CA GLU B 73 36.00 14.28 -9.10
C GLU B 73 36.98 13.74 -8.04
N ILE B 74 38.27 13.68 -8.38
CA ILE B 74 39.28 13.19 -7.45
C ILE B 74 39.36 14.11 -6.23
N GLN B 75 39.17 15.42 -6.45
CA GLN B 75 39.21 16.43 -5.39
C GLN B 75 38.10 16.17 -4.40
N TYR B 76 36.93 15.84 -4.94
CA TYR B 76 35.75 15.53 -4.15
C TYR B 76 36.05 14.44 -3.09
N PHE B 77 36.75 13.36 -3.50
CA PHE B 77 37.05 12.29 -2.56
C PHE B 77 37.82 12.83 -1.37
N GLY B 78 38.76 13.73 -1.65
CA GLY B 78 39.52 14.32 -0.57
C GLY B 78 38.57 15.08 0.35
N ALA B 79 37.72 15.91 -0.23
CA ALA B 79 36.80 16.70 0.58
C ALA B 79 35.86 15.83 1.33
N SER B 80 35.41 14.76 0.68
CA SER B 80 34.47 13.87 1.32
C SER B 80 35.14 13.10 2.47
N ALA B 81 36.37 12.68 2.24
CA ALA B 81 37.09 11.95 3.27
C ALA B 81 37.32 12.85 4.49
N LEU B 82 37.49 14.16 4.28
CA LEU B 82 37.70 15.05 5.40
C LEU B 82 36.43 15.11 6.23
N HIS B 83 35.30 15.12 5.54
CA HIS B 83 34.05 15.16 6.22
C HIS B 83 33.87 13.89 7.08
N ILE B 84 34.24 12.74 6.51
CA ILE B 84 34.12 11.48 7.26
C ILE B 84 34.98 11.56 8.53
N LYS B 85 36.26 11.86 8.41
CA LYS B 85 37.09 11.94 9.60
C LYS B 85 36.54 12.92 10.65
N ILE B 86 36.00 14.07 10.28
CA ILE B 86 35.50 14.92 11.36
C ILE B 86 34.20 14.42 11.94
N SER B 87 33.27 14.10 11.05
CA SER B 87 31.98 13.57 11.42
C SER B 87 32.12 12.23 12.13
N ARG B 88 33.04 11.39 11.67
CA ARG B 88 33.25 10.04 12.24
C ARG B 88 34.30 9.90 13.35
N TYR B 89 35.49 10.46 13.13
CA TYR B 89 36.59 10.37 14.06
C TYR B 89 36.94 11.72 14.64
N TRP B 90 36.03 12.27 15.43
CA TRP B 90 36.25 13.57 16.03
C TRP B 90 37.23 13.44 17.18
N SER B 91 37.28 12.24 17.71
CA SER B 91 38.16 11.93 18.81
C SER B 91 39.62 11.81 18.36
N ASP B 92 39.90 12.02 17.09
CA ASP B 92 41.27 11.93 16.58
C ASP B 92 41.94 13.31 16.67
N ILE B 93 41.12 14.33 16.93
CA ILE B 93 41.58 15.70 17.03
C ILE B 93 41.69 16.17 18.46
N PRO B 94 42.76 16.91 18.80
CA PRO B 94 42.88 17.39 20.18
C PRO B 94 42.20 18.75 20.28
N THR B 95 41.77 19.12 21.48
CA THR B 95 41.09 20.41 21.65
C THR B 95 41.96 21.62 21.25
N ASP B 96 43.27 21.53 21.43
CA ASP B 96 44.10 22.67 21.05
C ASP B 96 44.08 22.88 19.52
N GLN B 97 43.84 21.81 18.77
CA GLN B 97 43.82 21.89 17.30
C GLN B 97 42.46 22.27 16.69
N TYR B 98 41.46 22.50 17.52
CA TYR B 98 40.14 22.87 17.01
C TYR B 98 40.20 24.15 16.16
N GLU B 99 40.72 25.22 16.73
CA GLU B 99 40.83 26.48 16.02
C GLU B 99 41.64 26.39 14.73
N SER B 100 42.79 25.75 14.80
CA SER B 100 43.63 25.60 13.63
C SER B 100 42.90 24.85 12.52
N LEU B 101 42.20 23.77 12.89
CA LEU B 101 41.44 22.94 11.95
C LEU B 101 40.33 23.78 11.40
N LYS B 102 39.72 24.53 12.30
CA LYS B 102 38.65 25.42 11.92
C LYS B 102 39.22 26.21 10.75
N ALA B 103 40.19 27.09 11.02
CA ALA B 103 40.85 27.92 10.01
C ALA B 103 41.19 27.26 8.69
N GLN B 104 41.79 26.08 8.75
CA GLN B 104 42.16 25.34 7.54
C GLN B 104 40.94 25.15 6.65
N LEU B 105 39.81 24.76 7.22
CA LEU B 105 38.57 24.57 6.45
C LEU B 105 38.01 25.89 5.91
N PHE B 106 38.05 26.99 6.67
CA PHE B 106 37.52 28.22 6.11
C PHE B 106 38.38 28.59 4.92
N THR B 107 39.69 28.37 5.02
CA THR B 107 40.57 28.71 3.92
C THR B 107 40.19 27.89 2.68
N GLN B 108 40.06 26.57 2.86
CA GLN B 108 39.70 25.67 1.78
C GLN B 108 38.38 26.03 1.10
N ILE B 109 37.42 26.51 1.89
CA ILE B 109 36.10 26.89 1.36
C ILE B 109 36.19 28.16 0.52
N THR B 110 37.07 29.07 0.93
CA THR B 110 37.28 30.32 0.19
C THR B 110 38.00 29.95 -1.11
N ARG B 111 38.88 28.96 -1.01
CA ARG B 111 39.64 28.51 -2.16
C ARG B 111 38.69 28.00 -3.25
N PHE B 112 37.71 27.20 -2.82
CA PHE B 112 36.73 26.58 -3.72
C PHE B 112 35.42 27.32 -3.98
N ALA B 113 35.37 28.58 -3.56
CA ALA B 113 34.21 29.42 -3.81
C ALA B 113 34.32 29.79 -5.30
N SER B 114 35.53 29.65 -5.82
CA SER B 114 35.80 29.95 -7.23
C SER B 114 36.23 28.67 -7.96
N GLY B 115 36.19 27.56 -7.23
CA GLY B 115 36.56 26.29 -7.79
C GLY B 115 35.35 25.44 -8.12
N SER B 116 35.53 24.13 -8.04
CA SER B 116 34.45 23.19 -8.32
C SER B 116 33.31 23.26 -7.31
N LYS B 117 32.06 23.32 -7.81
CA LYS B 117 30.91 23.41 -6.92
C LYS B 117 30.73 22.18 -6.01
N ILE B 118 30.95 20.97 -6.52
CA ILE B 118 30.80 19.76 -5.70
C ILE B 118 31.76 19.67 -4.51
N VAL B 119 32.99 20.13 -4.71
CA VAL B 119 33.97 20.11 -3.64
C VAL B 119 33.62 21.18 -2.63
N LEU B 120 33.03 22.29 -3.09
CA LEU B 120 32.65 23.37 -2.18
C LEU B 120 31.64 22.86 -1.16
N THR B 121 30.54 22.30 -1.65
CA THR B 121 29.48 21.78 -0.79
C THR B 121 30.01 20.77 0.21
N ARG B 122 30.80 19.83 -0.31
CA ARG B 122 31.42 18.78 0.47
C ARG B 122 32.31 19.37 1.55
N LEU B 123 33.06 20.44 1.25
CA LEU B 123 33.87 20.99 2.32
C LEU B 123 32.99 21.76 3.27
N CYS B 124 31.84 22.24 2.79
CA CYS B 124 30.95 22.98 3.67
C CYS B 124 30.30 22.05 4.69
N VAL B 125 29.97 20.84 4.26
CA VAL B 125 29.36 19.86 5.15
C VAL B 125 30.40 19.50 6.22
N ALA B 126 31.67 19.42 5.82
CA ALA B 126 32.72 19.08 6.77
C ALA B 126 32.81 20.13 7.86
N LEU B 127 32.77 21.41 7.47
CA LEU B 127 32.86 22.51 8.44
C LEU B 127 31.64 22.55 9.32
N ALA B 128 30.49 22.20 8.77
CA ALA B 128 29.27 22.22 9.57
C ALA B 128 29.25 21.12 10.59
N SER B 129 29.93 20.01 10.27
CA SER B 129 29.98 18.87 11.17
C SER B 129 30.84 19.26 12.35
N LEU B 130 31.95 19.93 12.06
CA LEU B 130 32.84 20.37 13.12
C LEU B 130 32.16 21.43 13.99
N ALA B 131 31.36 22.31 13.38
CA ALA B 131 30.67 23.36 14.14
C ALA B 131 29.70 22.77 15.13
N LEU B 132 28.88 21.83 14.66
CA LEU B 132 27.92 21.19 15.52
C LEU B 132 28.64 20.46 16.65
N SER B 133 29.64 19.64 16.31
CA SER B 133 30.38 18.91 17.34
C SER B 133 30.86 19.87 18.40
N MET B 134 31.15 21.09 17.96
CA MET B 134 31.63 22.11 18.87
C MET B 134 30.59 22.66 19.83
N MET B 135 29.42 23.08 19.37
CA MET B 135 28.46 23.62 20.33
C MET B 135 27.98 22.68 21.46
N PRO B 136 27.41 23.27 22.52
CA PRO B 136 27.23 24.73 22.62
C PRO B 136 28.46 25.54 23.03
N ASP B 137 29.27 24.98 23.91
CA ASP B 137 30.46 25.64 24.43
C ASP B 137 31.69 25.80 23.54
N ALA B 138 32.15 24.76 22.86
CA ALA B 138 33.35 24.95 22.05
C ALA B 138 33.28 26.10 21.00
N TRP B 139 32.09 26.42 20.49
CA TRP B 139 31.93 27.52 19.53
C TRP B 139 30.68 28.32 19.88
N PRO B 140 30.85 29.40 20.65
CA PRO B 140 29.74 30.24 21.07
C PRO B 140 28.87 30.81 19.96
N CYS B 141 29.48 31.37 18.93
CA CYS B 141 28.72 31.96 17.83
C CYS B 141 29.16 31.46 16.49
N ALA B 142 28.78 30.24 16.18
CA ALA B 142 29.13 29.65 14.90
C ALA B 142 28.62 30.51 13.74
N VAL B 143 27.37 30.94 13.80
CA VAL B 143 26.85 31.75 12.70
C VAL B 143 27.51 33.11 12.59
N ALA B 144 27.65 33.82 13.69
CA ALA B 144 28.27 35.13 13.63
C ALA B 144 29.66 35.07 13.01
N ASP B 145 30.46 34.11 13.42
CA ASP B 145 31.82 33.97 12.92
C ASP B 145 31.85 33.70 11.42
N MET B 146 30.99 32.80 10.97
CA MET B 146 30.93 32.43 9.57
C MET B 146 30.54 33.63 8.72
N VAL B 147 29.45 34.26 9.10
CA VAL B 147 28.97 35.41 8.36
C VAL B 147 30.01 36.53 8.30
N ARG B 148 30.63 36.84 9.42
CA ARG B 148 31.63 37.92 9.48
C ARG B 148 32.82 37.66 8.57
N LEU B 149 33.28 36.42 8.52
CA LEU B 149 34.43 36.06 7.71
C LEU B 149 34.20 36.14 6.21
N PHE B 150 32.98 35.90 5.76
CA PHE B 150 32.71 35.97 4.32
C PHE B 150 32.45 37.37 3.79
N GLN B 151 32.19 38.32 4.68
CA GLN B 151 31.96 39.70 4.24
C GLN B 151 33.31 40.39 4.04
N ALA B 152 34.31 39.94 4.80
CA ALA B 152 35.67 40.47 4.74
C ALA B 152 36.02 41.08 3.39
N PRO B 156 39.28 38.24 -1.13
CA PRO B 156 39.96 37.40 -2.12
C PRO B 156 39.01 37.04 -3.26
N VAL B 157 37.79 36.68 -2.89
CA VAL B 157 36.80 36.32 -3.89
C VAL B 157 35.84 37.49 -4.16
N ASP B 158 35.12 37.39 -5.28
CA ASP B 158 34.16 38.42 -5.63
C ASP B 158 32.98 38.27 -4.67
N GLY B 159 32.12 39.28 -4.59
CA GLY B 159 31.00 39.21 -3.67
C GLY B 159 30.03 38.08 -3.91
N GLN B 160 29.70 37.82 -5.17
CA GLN B 160 28.75 36.77 -5.47
C GLN B 160 29.27 35.38 -5.08
N GLY B 161 30.54 35.09 -5.35
CA GLY B 161 31.09 33.80 -5.00
C GLY B 161 31.18 33.56 -3.51
N ARG B 162 31.49 34.62 -2.76
CA ARG B 162 31.61 34.49 -1.33
C ARG B 162 30.22 34.35 -0.69
N CYS B 163 29.26 35.09 -1.23
CA CYS B 163 27.89 35.06 -0.72
C CYS B 163 27.24 33.69 -0.95
N LEU B 164 27.40 33.15 -2.16
CA LEU B 164 26.84 31.84 -2.46
C LEU B 164 27.48 30.78 -1.59
N ALA B 165 28.76 30.97 -1.29
CA ALA B 165 29.50 30.04 -0.45
C ALA B 165 29.04 30.15 1.01
N LEU B 166 28.74 31.37 1.47
CA LEU B 166 28.29 31.55 2.85
C LEU B 166 26.92 30.93 3.01
N LEU B 167 26.13 30.99 1.94
CA LEU B 167 24.78 30.43 1.96
C LEU B 167 24.85 28.92 1.88
N GLU B 168 25.76 28.39 1.07
CA GLU B 168 25.90 26.95 0.93
C GLU B 168 26.18 26.38 2.32
N LEU B 169 27.09 27.03 3.04
CA LEU B 169 27.46 26.59 4.37
C LEU B 169 26.27 26.68 5.34
N LEU B 170 25.56 27.80 5.34
CA LEU B 170 24.40 27.99 6.22
C LEU B 170 23.26 27.06 5.89
N THR B 171 23.22 26.61 4.65
CA THR B 171 22.15 25.72 4.20
C THR B 171 22.42 24.28 4.60
N VAL B 172 23.66 23.87 4.49
CA VAL B 172 24.05 22.50 4.85
C VAL B 172 24.11 22.26 6.36
N LEU B 173 24.30 23.34 7.14
CA LEU B 173 24.40 23.22 8.58
C LEU B 173 23.22 22.48 9.16
N PRO B 174 22.01 22.97 8.89
CA PRO B 174 20.81 22.29 9.41
C PRO B 174 20.64 20.87 8.91
N GLU B 175 20.98 20.66 7.65
CA GLU B 175 20.85 19.36 7.05
C GLU B 175 21.76 18.32 7.67
N GLU B 176 22.92 18.76 8.17
CA GLU B 176 23.86 17.85 8.82
C GLU B 176 23.34 17.51 10.21
N PHE B 177 22.69 18.50 10.86
CA PHE B 177 22.15 18.28 12.21
C PHE B 177 21.09 17.18 12.09
N GLN B 178 20.21 17.31 11.09
CA GLN B 178 19.14 16.34 10.85
C GLN B 178 19.67 14.93 10.70
N THR B 179 20.87 14.77 10.16
CA THR B 179 21.49 13.44 9.98
C THR B 179 22.44 13.07 11.12
N SER B 180 22.82 14.06 11.94
CA SER B 180 23.69 13.83 13.09
C SER B 180 22.99 12.83 13.98
N ARG B 181 23.60 11.66 14.15
CA ARG B 181 23.04 10.64 15.03
C ARG B 181 23.57 11.03 16.41
N LEU B 182 22.75 11.65 17.25
CA LEU B 182 23.22 12.06 18.57
C LEU B 182 22.35 11.57 19.71
N PRO B 183 22.83 11.72 20.96
CA PRO B 183 22.12 11.30 22.19
C PRO B 183 21.08 12.31 22.61
N GLN B 184 19.93 11.82 23.10
CA GLN B 184 18.86 12.69 23.55
C GLN B 184 19.45 13.88 24.30
N TYR B 185 20.37 13.60 25.22
CA TYR B 185 21.01 14.66 26.01
C TYR B 185 21.87 15.55 25.15
N ARG B 186 22.73 14.94 24.34
CA ARG B 186 23.62 15.69 23.47
C ARG B 186 22.84 16.50 22.46
N LYS B 187 21.96 15.81 21.75
CA LYS B 187 21.14 16.43 20.72
C LYS B 187 20.33 17.62 21.19
N GLY B 188 19.84 17.57 22.42
CA GLY B 188 19.05 18.68 22.91
C GLY B 188 19.87 19.93 23.01
N LEU B 189 21.08 19.76 23.56
CA LEU B 189 21.98 20.87 23.76
C LEU B 189 22.31 21.51 22.40
N VAL B 190 22.60 20.67 21.41
CA VAL B 190 22.93 21.12 20.05
C VAL B 190 21.73 21.83 19.42
N ARG B 191 20.56 21.22 19.51
CA ARG B 191 19.35 21.83 18.95
C ARG B 191 19.09 23.18 19.55
N THR B 192 19.29 23.24 20.86
CA THR B 192 19.07 24.47 21.60
C THR B 192 19.98 25.58 21.11
N SER B 193 21.27 25.30 21.08
CA SER B 193 22.21 26.32 20.62
C SER B 193 21.88 26.66 19.16
N LEU B 194 21.42 25.66 18.41
CA LEU B 194 21.08 25.86 17.00
C LEU B 194 19.91 26.82 16.78
N ALA B 195 18.94 26.79 17.67
CA ALA B 195 17.79 27.67 17.59
C ALA B 195 18.27 29.10 17.85
N VAL B 196 19.29 29.25 18.69
CA VAL B 196 19.84 30.57 19.01
C VAL B 196 20.64 31.09 17.80
N GLU B 197 21.36 30.19 17.15
CA GLU B 197 22.15 30.53 15.97
C GLU B 197 21.25 31.01 14.84
N CYS B 198 19.99 30.59 14.83
CA CYS B 198 19.05 30.98 13.77
C CYS B 198 18.69 32.47 13.83
N GLY B 199 19.06 33.09 14.95
CA GLY B 199 18.83 34.51 15.14
C GLY B 199 19.79 35.30 14.26
N ALA B 200 20.94 34.71 13.93
CA ALA B 200 21.88 35.40 13.07
C ALA B 200 21.64 35.07 11.60
N VAL B 201 21.14 33.86 11.33
CA VAL B 201 20.90 33.43 9.97
C VAL B 201 19.79 34.23 9.28
N PHE B 202 18.57 34.18 9.82
CA PHE B 202 17.48 34.91 9.20
C PHE B 202 17.76 36.36 8.82
N PRO B 203 18.29 37.18 9.76
CA PRO B 203 18.60 38.59 9.50
C PRO B 203 19.37 38.76 8.20
N LEU B 204 20.39 37.93 8.05
CA LEU B 204 21.23 37.96 6.86
C LEU B 204 20.41 37.70 5.63
N LEU B 205 19.56 36.68 5.69
CA LEU B 205 18.74 36.29 4.56
C LEU B 205 17.79 37.41 4.19
N GLU B 206 17.17 38.04 5.18
CA GLU B 206 16.26 39.14 4.92
C GLU B 206 17.00 40.24 4.18
N GLN B 207 18.19 40.56 4.66
CA GLN B 207 19.00 41.60 4.04
C GLN B 207 19.15 41.38 2.55
N LEU B 208 19.71 40.23 2.19
CA LEU B 208 19.94 39.86 0.80
C LEU B 208 18.73 39.98 -0.12
N LEU B 209 17.54 39.67 0.39
CA LEU B 209 16.32 39.76 -0.42
C LEU B 209 15.85 41.17 -0.58
N GLN B 210 16.02 41.99 0.45
CA GLN B 210 15.55 43.37 0.37
C GLN B 210 16.55 44.27 -0.31
N GLN B 211 17.66 43.70 -0.73
CA GLN B 211 18.69 44.47 -1.42
C GLN B 211 18.49 44.30 -2.91
N PRO B 212 18.08 45.37 -3.58
CA PRO B 212 17.88 45.22 -5.03
C PRO B 212 19.15 44.82 -5.80
N SER B 213 20.31 44.88 -5.15
CA SER B 213 21.58 44.54 -5.80
C SER B 213 21.85 43.03 -5.81
N SER B 214 20.98 42.28 -5.13
CA SER B 214 21.13 40.84 -5.05
C SER B 214 20.67 40.22 -6.33
N PRO B 215 21.53 39.39 -6.92
CA PRO B 215 21.23 38.70 -8.18
C PRO B 215 20.30 37.49 -8.03
N SER B 216 19.59 37.15 -9.11
CA SER B 216 18.66 36.03 -9.11
C SER B 216 19.22 34.73 -8.46
N CYS B 217 20.46 34.38 -8.78
CA CYS B 217 21.10 33.18 -8.22
C CYS B 217 21.25 33.27 -6.69
N VAL B 218 21.54 34.45 -6.17
CA VAL B 218 21.66 34.61 -4.74
C VAL B 218 20.27 34.49 -4.12
N ARG B 219 19.26 35.05 -4.78
CA ARG B 219 17.90 34.95 -4.26
C ARG B 219 17.47 33.49 -4.14
N GLN B 220 17.76 32.68 -5.16
CA GLN B 220 17.38 31.28 -5.14
C GLN B 220 18.03 30.55 -3.94
N LYS B 221 19.33 30.70 -3.74
CA LYS B 221 20.01 30.06 -2.62
C LYS B 221 19.44 30.55 -1.31
N VAL B 222 19.06 31.84 -1.24
CA VAL B 222 18.50 32.36 0.00
C VAL B 222 17.21 31.65 0.36
N LEU B 223 16.34 31.48 -0.63
CA LEU B 223 15.08 30.78 -0.36
C LEU B 223 15.40 29.36 0.06
N LYS B 224 16.34 28.73 -0.64
CA LYS B 224 16.67 27.36 -0.31
C LYS B 224 17.22 27.24 1.11
N CYS B 225 17.97 28.26 1.52
CA CYS B 225 18.57 28.29 2.84
C CYS B 225 17.45 28.40 3.86
N PHE B 226 16.51 29.30 3.57
CA PHE B 226 15.38 29.50 4.43
C PHE B 226 14.60 28.20 4.63
N SER B 227 14.39 27.42 3.57
CA SER B 227 13.65 26.16 3.71
C SER B 227 14.39 25.16 4.56
N SER B 228 15.71 25.28 4.60
CA SER B 228 16.47 24.32 5.36
C SER B 228 16.25 24.53 6.85
N TRP B 229 16.27 25.78 7.30
CA TRP B 229 16.04 26.08 8.71
C TRP B 229 14.57 25.88 9.02
N VAL B 230 13.74 25.97 8.00
CA VAL B 230 12.30 25.78 8.21
C VAL B 230 12.06 24.33 8.68
N GLN B 231 12.88 23.39 8.24
CA GLN B 231 12.69 22.01 8.65
C GLN B 231 13.07 21.85 10.10
N LEU B 232 13.85 22.79 10.63
CA LEU B 232 14.23 22.69 12.04
C LEU B 232 13.08 23.10 12.94
N GLU B 233 11.94 23.46 12.37
CA GLU B 233 10.76 23.84 13.15
C GLU B 233 10.90 25.11 13.99
N VAL B 234 11.58 26.10 13.45
CA VAL B 234 11.75 27.38 14.12
C VAL B 234 10.35 28.01 14.17
N PRO B 235 10.05 28.76 15.23
CA PRO B 235 8.77 29.44 15.44
C PRO B 235 8.26 30.16 14.21
N LEU B 236 7.01 29.90 13.83
CA LEU B 236 6.45 30.57 12.65
C LEU B 236 6.56 32.09 12.69
N GLN B 237 6.55 32.68 13.87
CA GLN B 237 6.63 34.13 13.96
C GLN B 237 7.94 34.76 13.47
N ASP B 238 9.05 34.05 13.70
CA ASP B 238 10.37 34.52 13.29
C ASP B 238 10.49 34.50 11.77
N CYS B 239 9.56 33.80 11.14
CA CYS B 239 9.53 33.64 9.70
C CYS B 239 8.72 34.69 8.96
N GLU B 240 7.86 35.43 9.67
CA GLU B 240 7.00 36.44 9.04
C GLU B 240 7.73 37.28 8.00
N ALA B 241 8.89 37.82 8.38
CA ALA B 241 9.72 38.67 7.52
C ALA B 241 10.16 37.92 6.26
N LEU B 242 10.68 36.71 6.42
CA LEU B 242 11.10 35.92 5.27
C LEU B 242 9.92 35.35 4.48
N ILE B 243 8.84 35.00 5.17
CA ILE B 243 7.69 34.45 4.45
C ILE B 243 7.07 35.52 3.56
N GLN B 244 7.03 36.75 4.05
CA GLN B 244 6.47 37.85 3.27
C GLN B 244 7.32 38.15 2.03
N ALA B 245 8.64 38.04 2.20
CA ALA B 245 9.58 38.25 1.12
C ALA B 245 9.45 37.13 0.11
N ALA B 246 9.21 35.91 0.60
CA ALA B 246 9.04 34.77 -0.29
C ALA B 246 7.80 34.93 -1.14
N PHE B 247 6.73 35.44 -0.54
CA PHE B 247 5.47 35.66 -1.26
C PHE B 247 5.71 36.62 -2.41
N ALA B 248 6.44 37.69 -2.10
CA ALA B 248 6.77 38.71 -3.07
C ALA B 248 7.60 38.17 -4.22
N ALA B 249 8.40 37.15 -3.94
CA ALA B 249 9.28 36.55 -4.95
C ALA B 249 8.52 35.68 -5.93
N LEU B 250 7.28 35.35 -5.58
CA LEU B 250 6.43 34.52 -6.42
C LEU B 250 6.15 35.26 -7.73
N GLN B 251 6.48 36.55 -7.77
CA GLN B 251 6.27 37.38 -8.94
C GLN B 251 7.31 37.07 -10.00
N ASP B 252 8.54 36.80 -9.54
CA ASP B 252 9.68 36.49 -10.41
C ASP B 252 9.66 35.02 -10.86
N SER B 253 9.59 34.78 -12.16
CA SER B 253 9.55 33.42 -12.71
C SER B 253 10.69 32.51 -12.25
N GLU B 254 11.90 33.07 -12.16
CA GLU B 254 13.07 32.31 -11.74
C GLU B 254 12.96 31.81 -10.27
N LEU B 255 12.31 32.62 -9.43
CA LEU B 255 12.16 32.32 -8.01
C LEU B 255 10.91 31.54 -7.59
N PHE B 256 9.92 31.43 -8.48
CA PHE B 256 8.67 30.75 -8.18
C PHE B 256 8.85 29.39 -7.46
N ASP B 257 9.56 28.46 -8.09
CA ASP B 257 9.75 27.14 -7.52
C ASP B 257 10.23 27.13 -6.08
N SER B 258 11.30 27.85 -5.80
CA SER B 258 11.85 27.92 -4.46
C SER B 258 10.91 28.52 -3.45
N SER B 259 10.29 29.65 -3.75
CA SER B 259 9.40 30.23 -2.75
C SER B 259 8.13 29.44 -2.50
N VAL B 260 7.60 28.76 -3.51
CA VAL B 260 6.39 27.98 -3.29
C VAL B 260 6.77 26.93 -2.25
N GLU B 261 7.91 26.25 -2.46
CA GLU B 261 8.38 25.24 -1.52
C GLU B 261 8.69 25.80 -0.14
N ALA B 262 9.22 27.02 -0.09
CA ALA B 262 9.54 27.65 1.19
C ALA B 262 8.27 27.99 1.92
N ILE B 263 7.33 28.62 1.22
CA ILE B 263 6.09 29.00 1.87
C ILE B 263 5.36 27.76 2.38
N VAL B 264 5.11 26.80 1.48
CA VAL B 264 4.43 25.59 1.91
C VAL B 264 5.09 24.90 3.08
N ASN B 265 6.41 24.78 3.07
CA ASN B 265 7.07 24.11 4.20
C ASN B 265 6.94 24.90 5.48
N ALA B 266 7.05 26.22 5.38
CA ALA B 266 6.94 27.07 6.55
C ALA B 266 5.57 26.93 7.16
N ILE B 267 4.53 26.89 6.31
CA ILE B 267 3.18 26.81 6.84
C ILE B 267 2.79 25.40 7.32
N SER B 268 3.41 24.39 6.71
CA SER B 268 3.19 22.99 7.03
C SER B 268 3.96 22.43 8.22
N GLN B 269 4.73 23.27 8.92
CA GLN B 269 5.50 22.83 10.09
C GLN B 269 4.56 22.32 11.16
N PRO B 270 4.95 21.25 11.85
CA PRO B 270 4.13 20.65 12.90
C PRO B 270 3.65 21.65 13.96
N ASP B 271 4.56 22.50 14.44
CA ASP B 271 4.23 23.47 15.48
C ASP B 271 3.83 24.86 14.99
N ALA B 272 3.68 25.00 13.68
CA ALA B 272 3.29 26.27 13.06
C ALA B 272 1.91 26.62 13.59
N GLN B 273 1.21 25.60 14.06
CA GLN B 273 -0.11 25.77 14.61
C GLN B 273 0.00 26.41 15.98
N ARG B 274 1.22 26.48 16.51
CA ARG B 274 1.44 27.09 17.82
C ARG B 274 1.25 28.61 17.74
N TYR B 275 1.49 29.17 16.57
CA TYR B 275 1.39 30.62 16.34
C TYR B 275 0.21 31.00 15.45
N VAL B 276 -0.98 30.92 16.01
CA VAL B 276 -2.16 31.23 15.24
C VAL B 276 -2.23 32.66 14.67
N ASN B 277 -1.68 33.62 15.41
CA ASN B 277 -1.69 34.99 14.97
C ASN B 277 -1.02 35.19 13.64
N THR B 278 0.18 34.64 13.49
CA THR B 278 0.91 34.80 12.23
C THR B 278 0.04 34.31 11.09
N LEU B 279 -0.48 33.11 11.26
CA LEU B 279 -1.34 32.52 10.25
C LEU B 279 -2.39 33.52 9.72
N LEU B 280 -3.09 34.23 10.63
CA LEU B 280 -4.09 35.21 10.21
C LEU B 280 -3.47 36.25 9.27
N LYS B 281 -2.29 36.73 9.64
CA LYS B 281 -1.53 37.71 8.86
C LYS B 281 -1.14 37.12 7.50
N LEU B 282 -1.00 35.81 7.40
CA LEU B 282 -0.66 35.24 6.10
C LEU B 282 -1.87 35.22 5.16
N ILE B 283 -3.07 34.93 5.65
CA ILE B 283 -4.27 34.90 4.78
C ILE B 283 -4.32 35.97 3.68
N PRO B 284 -4.09 37.23 4.06
CA PRO B 284 -4.10 38.30 3.06
C PRO B 284 -3.01 38.14 1.99
N LEU B 285 -1.86 37.63 2.39
CA LEU B 285 -0.76 37.37 1.46
C LEU B 285 -1.20 36.30 0.47
N VAL B 286 -2.02 35.38 0.94
CA VAL B 286 -2.52 34.32 0.10
C VAL B 286 -3.56 34.92 -0.85
N LEU B 287 -4.50 35.69 -0.31
CA LEU B 287 -5.51 36.32 -1.15
C LEU B 287 -4.92 37.24 -2.17
N GLY B 288 -3.78 37.85 -1.85
CA GLY B 288 -3.14 38.72 -2.79
C GLY B 288 -2.73 38.00 -4.07
N LEU B 289 -2.62 36.68 -4.00
CA LEU B 289 -2.19 35.94 -5.17
C LEU B 289 -3.31 35.67 -6.17
N GLN B 290 -4.54 35.98 -5.80
CA GLN B 290 -5.67 35.73 -6.66
C GLN B 290 -5.49 36.25 -8.07
N GLU B 291 -4.93 37.44 -8.22
CA GLU B 291 -4.73 38.02 -9.54
C GLU B 291 -3.74 37.18 -10.35
N GLN B 292 -2.60 36.88 -9.75
CA GLN B 292 -1.62 36.05 -10.42
C GLN B 292 -2.21 34.70 -10.84
N LEU B 293 -3.03 34.12 -9.95
CA LEU B 293 -3.67 32.81 -10.19
C LEU B 293 -4.63 32.85 -11.36
N ARG B 294 -5.44 33.91 -11.43
CA ARG B 294 -6.43 34.09 -12.49
C ARG B 294 -5.72 34.29 -13.80
N GLN B 295 -4.60 35.00 -13.77
CA GLN B 295 -3.86 35.22 -14.98
C GLN B 295 -3.26 33.93 -15.52
N ALA B 296 -2.77 33.09 -14.63
CA ALA B 296 -2.17 31.82 -15.04
C ALA B 296 -3.21 30.92 -15.67
N VAL B 297 -4.43 31.00 -15.16
CA VAL B 297 -5.52 30.20 -15.70
C VAL B 297 -5.80 30.73 -17.10
N GLN B 298 -5.79 32.05 -17.23
CA GLN B 298 -6.06 32.69 -18.52
C GLN B 298 -5.04 32.32 -19.58
N ASN B 299 -3.77 32.26 -19.17
CA ASN B 299 -2.69 31.93 -20.10
C ASN B 299 -2.49 30.42 -20.28
N GLY B 300 -3.03 29.62 -19.36
CA GLY B 300 -2.90 28.18 -19.47
C GLY B 300 -1.64 27.63 -18.84
N ASP B 301 -0.98 28.47 -18.06
CA ASP B 301 0.23 28.03 -17.40
C ASP B 301 -0.16 27.23 -16.18
N MET B 302 -0.15 25.91 -16.33
CA MET B 302 -0.54 25.00 -15.27
C MET B 302 0.39 24.92 -14.07
N GLU B 303 1.71 24.98 -14.30
CA GLU B 303 2.69 24.91 -13.22
C GLU B 303 2.50 25.98 -12.16
N THR B 304 2.04 27.15 -12.59
CA THR B 304 1.84 28.27 -11.70
C THR B 304 0.56 28.12 -10.85
N SER B 305 -0.61 27.91 -11.45
CA SER B 305 -1.88 27.78 -10.73
C SER B 305 -1.71 26.67 -9.68
N HIS B 306 -0.93 25.65 -10.06
CA HIS B 306 -0.64 24.47 -9.24
C HIS B 306 0.09 24.88 -8.00
N GLY B 307 1.07 25.78 -8.15
CA GLY B 307 1.85 26.25 -7.01
C GLY B 307 1.09 27.15 -6.07
N ILE B 308 0.37 28.10 -6.63
CA ILE B 308 -0.40 29.03 -5.82
C ILE B 308 -1.49 28.25 -5.09
N CYS B 309 -2.03 27.24 -5.76
CA CYS B 309 -3.06 26.44 -5.13
C CYS B 309 -2.48 25.69 -3.96
N ARG B 310 -1.27 25.16 -4.12
CA ARG B 310 -0.65 24.44 -3.01
C ARG B 310 -0.48 25.34 -1.81
N ILE B 311 -0.12 26.60 -2.04
CA ILE B 311 0.07 27.50 -0.94
C ILE B 311 -1.25 27.76 -0.24
N ALA B 312 -2.28 28.03 -1.02
CA ALA B 312 -3.60 28.31 -0.44
C ALA B 312 -4.16 27.11 0.31
N VAL B 313 -4.01 25.93 -0.27
CA VAL B 313 -4.50 24.72 0.35
C VAL B 313 -3.74 24.45 1.65
N ALA B 314 -2.43 24.70 1.66
CA ALA B 314 -1.58 24.47 2.83
C ALA B 314 -1.97 25.25 4.08
N LEU B 315 -2.45 26.47 3.87
CA LEU B 315 -2.88 27.35 4.94
C LEU B 315 -4.28 26.96 5.40
N GLY B 316 -5.23 26.96 4.48
CA GLY B 316 -6.60 26.59 4.82
C GLY B 316 -6.82 25.15 5.27
N GLU B 317 -6.12 24.19 4.66
CA GLU B 317 -6.26 22.77 5.00
C GLU B 317 -5.70 22.43 6.37
N ASN B 318 -4.50 22.93 6.65
CA ASN B 318 -3.86 22.65 7.91
C ASN B 318 -4.27 23.46 9.13
N HIS B 319 -4.95 24.58 8.92
CA HIS B 319 -5.36 25.37 10.06
C HIS B 319 -6.81 25.81 9.94
N SER B 320 -7.62 24.99 9.27
CA SER B 320 -9.03 25.32 9.10
C SER B 320 -9.73 25.54 10.44
N ARG B 321 -9.69 24.58 11.35
CA ARG B 321 -10.40 24.80 12.59
C ARG B 321 -9.83 25.95 13.43
N ALA B 322 -8.51 26.05 13.51
CA ALA B 322 -7.91 27.13 14.26
C ALA B 322 -8.32 28.50 13.70
N LEU B 323 -8.41 28.62 12.38
CA LEU B 323 -8.81 29.90 11.78
C LEU B 323 -10.29 30.14 11.97
N LEU B 324 -11.06 29.06 12.01
CA LEU B 324 -12.49 29.18 12.23
C LEU B 324 -12.78 29.54 13.69
N ASP B 325 -11.86 29.20 14.59
CA ASP B 325 -12.05 29.48 16.01
C ASP B 325 -11.99 30.98 16.21
N GLN B 326 -11.13 31.65 15.45
CA GLN B 326 -11.03 33.10 15.57
C GLN B 326 -12.13 33.71 14.72
N VAL B 327 -13.33 33.74 15.29
CA VAL B 327 -14.50 34.27 14.60
C VAL B 327 -14.45 35.71 14.07
N GLU B 328 -13.73 36.58 14.76
CA GLU B 328 -13.64 37.97 14.36
C GLU B 328 -13.07 38.15 12.96
N HIS B 329 -12.32 37.16 12.49
CA HIS B 329 -11.71 37.22 11.15
C HIS B 329 -12.44 36.38 10.11
N TRP B 330 -13.60 35.83 10.50
CA TRP B 330 -14.38 34.95 9.61
C TRP B 330 -14.43 35.36 8.15
N GLN B 331 -14.48 36.66 7.91
CA GLN B 331 -14.55 37.16 6.54
C GLN B 331 -13.29 36.88 5.75
N SER B 332 -12.14 37.01 6.40
CA SER B 332 -10.86 36.76 5.75
C SER B 332 -10.79 35.29 5.35
N PHE B 333 -11.21 34.42 6.26
CA PHE B 333 -11.18 32.98 6.01
C PHE B 333 -12.11 32.61 4.88
N LEU B 334 -13.28 33.21 4.88
CA LEU B 334 -14.26 32.95 3.83
C LEU B 334 -13.71 33.34 2.44
N ALA B 335 -12.89 34.37 2.37
CA ALA B 335 -12.35 34.74 1.07
C ALA B 335 -11.39 33.64 0.63
N LEU B 336 -10.59 33.14 1.59
CA LEU B 336 -9.62 32.09 1.35
C LEU B 336 -10.35 30.86 0.85
N VAL B 337 -11.48 30.53 1.48
CA VAL B 337 -12.27 29.37 1.08
C VAL B 337 -12.72 29.45 -0.37
N ASN B 338 -13.09 30.65 -0.80
CA ASN B 338 -13.56 30.91 -2.18
C ASN B 338 -12.44 30.83 -3.20
N MET B 339 -11.23 31.17 -2.75
CA MET B 339 -10.07 31.12 -3.60
C MET B 339 -9.83 29.64 -3.87
N ILE B 340 -9.92 28.83 -2.84
CA ILE B 340 -9.73 27.39 -2.99
C ILE B 340 -10.84 26.85 -3.91
N MET B 341 -12.05 27.37 -3.75
CA MET B 341 -13.20 27.01 -4.60
C MET B 341 -12.89 27.33 -6.06
N PHE B 342 -12.11 28.40 -6.26
CA PHE B 342 -11.73 28.80 -7.60
C PHE B 342 -10.83 27.74 -8.19
N CYS B 343 -9.91 27.21 -7.39
CA CYS B 343 -8.99 26.19 -7.88
C CYS B 343 -9.71 24.86 -8.07
N THR B 344 -10.68 24.57 -7.20
CA THR B 344 -11.43 23.32 -7.33
C THR B 344 -12.20 23.37 -8.64
N GLY B 345 -12.66 24.55 -9.02
CA GLY B 345 -13.41 24.65 -10.26
C GLY B 345 -12.66 25.25 -11.40
N ILE B 346 -11.35 25.32 -11.32
CA ILE B 346 -10.56 25.90 -12.40
C ILE B 346 -11.01 25.35 -13.74
N PRO B 347 -11.07 26.21 -14.77
CA PRO B 347 -11.49 25.87 -16.14
C PRO B 347 -10.62 24.79 -16.78
N GLY B 348 -11.25 23.89 -17.53
CA GLY B 348 -10.51 22.84 -18.18
C GLY B 348 -10.79 21.44 -17.65
N HIS B 349 -10.22 20.44 -18.29
CA HIS B 349 -10.40 19.06 -17.89
C HIS B 349 -9.20 18.55 -17.14
N TYR B 350 -9.45 17.76 -16.10
CA TYR B 350 -8.38 17.18 -15.32
C TYR B 350 -8.02 15.85 -16.00
N PRO B 351 -6.72 15.59 -16.20
CA PRO B 351 -5.66 16.53 -15.81
C PRO B 351 -4.95 17.09 -17.02
N VAL B 352 -5.62 16.99 -18.16
CA VAL B 352 -5.08 17.46 -19.42
C VAL B 352 -4.95 18.99 -19.45
N ASN B 353 -5.97 19.70 -18.96
CA ASN B 353 -5.93 21.15 -18.98
C ASN B 353 -5.43 21.76 -17.69
N GLU B 354 -5.47 20.98 -16.63
CA GLU B 354 -5.01 21.43 -15.33
C GLU B 354 -4.87 20.26 -14.37
N THR B 355 -4.05 20.44 -13.36
CA THR B 355 -3.83 19.39 -12.36
C THR B 355 -4.02 19.96 -10.96
N THR B 356 -4.63 21.13 -10.89
CA THR B 356 -4.83 21.85 -9.66
C THR B 356 -6.04 21.45 -8.80
N SER B 357 -7.19 21.24 -9.43
CA SER B 357 -8.39 20.87 -8.70
C SER B 357 -8.19 19.70 -7.73
N SER B 358 -7.38 18.71 -8.09
CA SER B 358 -7.18 17.59 -7.19
C SER B 358 -6.54 17.95 -5.85
N LEU B 359 -5.83 19.07 -5.78
CA LEU B 359 -5.17 19.47 -4.53
C LEU B 359 -6.10 19.92 -3.42
N THR B 360 -7.30 20.35 -3.83
CA THR B 360 -8.33 20.91 -2.97
C THR B 360 -9.38 19.97 -2.42
N LEU B 361 -9.45 18.75 -2.94
CA LEU B 361 -10.50 17.85 -2.46
C LEU B 361 -10.42 17.55 -0.96
N THR B 362 -9.25 17.18 -0.44
CA THR B 362 -9.23 16.89 0.98
C THR B 362 -9.71 18.09 1.78
N PHE B 363 -9.51 19.30 1.25
CA PHE B 363 -9.94 20.50 1.98
C PHE B 363 -11.42 20.52 2.29
N TRP B 364 -12.26 20.26 1.30
CA TRP B 364 -13.67 20.26 1.53
C TRP B 364 -14.10 19.25 2.57
N TYR B 365 -13.28 18.21 2.79
CA TYR B 365 -13.63 17.26 3.84
C TYR B 365 -13.41 17.95 5.18
N THR B 366 -12.20 18.52 5.33
CA THR B 366 -11.77 19.24 6.54
C THR B 366 -12.73 20.36 6.93
N LEU B 367 -12.97 21.30 6.04
CA LEU B 367 -13.89 22.39 6.36
C LEU B 367 -15.21 21.85 6.94
N GLN B 368 -15.88 20.96 6.23
CA GLN B 368 -17.15 20.41 6.71
C GLN B 368 -17.00 19.79 8.08
N ASP B 369 -15.99 18.94 8.26
CA ASP B 369 -15.76 18.28 9.53
C ASP B 369 -15.62 19.25 10.68
N ASP B 370 -14.93 20.35 10.43
CA ASP B 370 -14.71 21.36 11.45
C ASP B 370 -16.00 22.04 11.89
N ILE B 371 -16.86 22.37 10.94
CA ILE B 371 -18.10 23.01 11.31
C ILE B 371 -18.99 22.09 12.14
N LEU B 372 -19.13 20.83 11.73
CA LEU B 372 -19.95 19.90 12.51
C LEU B 372 -19.43 19.76 13.94
N SER B 373 -18.13 19.99 14.14
CA SER B 373 -17.51 19.88 15.47
C SER B 373 -17.96 20.94 16.44
N PHE B 374 -18.15 22.14 15.91
CA PHE B 374 -18.60 23.26 16.72
C PHE B 374 -19.95 22.91 17.29
N GLU B 375 -20.31 23.58 18.37
CA GLU B 375 -21.59 23.33 18.98
C GLU B 375 -22.29 24.64 19.20
N ALA B 376 -23.61 24.58 19.33
CA ALA B 376 -24.43 25.78 19.57
C ALA B 376 -24.33 26.81 18.46
N GLU B 377 -24.09 28.05 18.87
CA GLU B 377 -23.97 29.18 17.95
C GLU B 377 -22.88 29.01 16.88
N LYS B 378 -21.69 28.58 17.27
CA LYS B 378 -20.65 28.43 16.26
C LYS B 378 -21.10 27.49 15.15
N GLN B 379 -21.66 26.34 15.50
CA GLN B 379 -22.09 25.40 14.48
C GLN B 379 -23.19 25.98 13.62
N ALA B 380 -24.21 26.55 14.25
CA ALA B 380 -25.36 27.12 13.55
C ALA B 380 -25.05 28.32 12.68
N VAL B 381 -24.25 29.23 13.20
CA VAL B 381 -23.90 30.41 12.44
C VAL B 381 -22.96 30.06 11.31
N TYR B 382 -22.00 29.17 11.56
CA TYR B 382 -21.08 28.79 10.49
C TYR B 382 -21.78 27.98 9.42
N GLN B 383 -22.85 27.31 9.80
CA GLN B 383 -23.64 26.50 8.89
C GLN B 383 -24.39 27.43 7.94
N GLN B 384 -24.88 28.54 8.45
CA GLN B 384 -25.57 29.48 7.61
C GLN B 384 -24.58 30.08 6.62
N VAL B 385 -23.31 30.17 7.02
CA VAL B 385 -22.31 30.75 6.15
C VAL B 385 -21.80 29.82 5.04
N TYR B 386 -21.62 28.53 5.35
CA TYR B 386 -21.08 27.56 4.39
C TYR B 386 -22.02 26.57 3.69
N ARG B 387 -23.30 26.57 4.05
CA ARG B 387 -24.30 25.70 3.42
C ARG B 387 -24.42 26.12 1.97
N PRO B 388 -24.36 27.43 1.72
CA PRO B 388 -24.49 27.88 0.33
C PRO B 388 -23.17 27.68 -0.41
N VAL B 389 -22.08 27.68 0.33
CA VAL B 389 -20.78 27.48 -0.28
C VAL B 389 -20.69 26.02 -0.77
N TYR B 390 -21.24 25.09 0.02
CA TYR B 390 -21.23 23.68 -0.34
C TYR B 390 -22.17 23.31 -1.48
N PHE B 391 -23.24 24.07 -1.65
CA PHE B 391 -24.12 23.79 -2.77
C PHE B 391 -23.34 24.23 -4.01
N GLN B 392 -22.63 25.34 -3.91
CA GLN B 392 -21.88 25.80 -5.05
C GLN B 392 -20.84 24.77 -5.44
N LEU B 393 -20.23 24.15 -4.44
CA LEU B 393 -19.21 23.14 -4.65
C LEU B 393 -19.81 21.96 -5.41
N VAL B 394 -20.99 21.54 -4.99
CA VAL B 394 -21.65 20.43 -5.64
C VAL B 394 -21.73 20.73 -7.11
N ASP B 395 -22.13 21.95 -7.44
CA ASP B 395 -22.23 22.32 -8.84
C ASP B 395 -20.86 22.20 -9.50
N VAL B 396 -19.81 22.67 -8.81
CA VAL B 396 -18.47 22.63 -9.38
C VAL B 396 -17.91 21.23 -9.53
N LEU B 397 -18.20 20.36 -8.57
CA LEU B 397 -17.68 19.01 -8.63
C LEU B 397 -18.30 18.20 -9.77
N LEU B 398 -19.59 18.40 -10.01
CA LEU B 398 -20.22 17.68 -11.10
C LEU B 398 -19.71 18.16 -12.45
N HIS B 399 -19.33 19.41 -12.57
CA HIS B 399 -18.82 19.88 -13.85
C HIS B 399 -17.44 19.26 -14.05
N LYS B 400 -16.66 19.13 -12.97
CA LYS B 400 -15.33 18.55 -13.09
C LYS B 400 -15.35 17.03 -13.28
N ALA B 401 -16.39 16.37 -12.78
CA ALA B 401 -16.49 14.94 -12.95
C ALA B 401 -17.01 14.63 -14.34
N GLN B 402 -17.24 15.66 -15.14
CA GLN B 402 -17.77 15.47 -16.48
C GLN B 402 -16.72 15.10 -17.53
N PHE B 403 -17.03 14.14 -18.40
CA PHE B 403 -16.10 13.71 -19.46
C PHE B 403 -15.96 14.73 -20.61
N PRO B 404 -14.78 14.80 -21.24
CA PRO B 404 -14.52 15.71 -22.35
C PRO B 404 -15.30 15.15 -23.53
N SER B 405 -15.39 15.91 -24.62
CA SER B 405 -16.11 15.46 -25.82
C SER B 405 -15.52 14.16 -26.33
N ASP B 406 -16.34 13.33 -26.96
CA ASP B 406 -15.82 12.06 -27.46
C ASP B 406 -14.54 12.16 -28.30
N GLU B 407 -14.42 13.21 -29.09
CA GLU B 407 -13.25 13.43 -29.94
C GLU B 407 -12.00 13.74 -29.12
N GLU B 408 -12.12 14.74 -28.25
CA GLU B 408 -11.04 15.17 -27.37
C GLU B 408 -10.54 14.01 -26.49
N TYR B 409 -11.45 13.15 -26.04
CA TYR B 409 -11.06 12.02 -25.19
C TYR B 409 -10.12 11.06 -25.92
N GLY B 410 -10.32 10.90 -27.23
CA GLY B 410 -9.49 10.01 -28.01
C GLY B 410 -8.01 10.33 -27.92
N PHE B 411 -7.69 11.62 -27.86
CA PHE B 411 -6.31 12.08 -27.78
C PHE B 411 -5.68 11.85 -26.42
N TRP B 412 -6.45 11.39 -25.43
CA TRP B 412 -5.89 11.16 -24.10
C TRP B 412 -5.09 9.86 -24.02
N SER B 413 -3.94 9.92 -23.36
CA SER B 413 -3.10 8.73 -23.22
C SER B 413 -3.73 7.76 -22.22
N SER B 414 -3.23 6.54 -22.11
CA SER B 414 -3.80 5.59 -21.16
C SER B 414 -3.69 6.16 -19.75
N ASP B 415 -2.56 6.79 -19.46
CA ASP B 415 -2.28 7.39 -18.15
C ASP B 415 -3.19 8.55 -17.79
N GLU B 416 -3.43 9.45 -18.73
CA GLU B 416 -4.31 10.59 -18.50
C GLU B 416 -5.73 10.11 -18.17
N LYS B 417 -6.14 9.02 -18.78
CA LYS B 417 -7.47 8.48 -18.55
C LYS B 417 -7.54 7.92 -17.16
N GLU B 418 -6.45 7.28 -16.74
CA GLU B 418 -6.37 6.68 -15.41
C GLU B 418 -6.41 7.73 -14.30
N GLN B 419 -5.69 8.83 -14.51
CA GLN B 419 -5.63 9.91 -13.53
C GLN B 419 -7.01 10.54 -13.32
N PHE B 420 -7.79 10.56 -14.39
CA PHE B 420 -9.15 11.10 -14.36
C PHE B 420 -10.10 10.10 -13.70
N ARG B 421 -9.78 8.80 -13.74
CA ARG B 421 -10.65 7.82 -13.11
C ARG B 421 -10.41 7.88 -11.60
N ILE B 422 -9.15 8.09 -11.23
CA ILE B 422 -8.81 8.15 -9.82
C ILE B 422 -9.37 9.46 -9.29
N TYR B 423 -9.31 10.47 -10.14
CA TYR B 423 -9.84 11.79 -9.81
C TYR B 423 -11.35 11.72 -9.57
N ARG B 424 -12.08 10.98 -10.40
CA ARG B 424 -13.53 10.85 -10.17
C ARG B 424 -13.80 10.09 -8.88
N VAL B 425 -13.00 9.06 -8.59
CA VAL B 425 -13.21 8.32 -7.35
C VAL B 425 -13.05 9.28 -6.19
N ASP B 426 -12.04 10.16 -6.24
CA ASP B 426 -11.84 11.10 -5.15
C ASP B 426 -13.05 12.04 -5.00
N ILE B 427 -13.65 12.45 -6.11
CA ILE B 427 -14.83 13.31 -6.08
C ILE B 427 -16.01 12.58 -5.45
N SER B 428 -16.09 11.27 -5.62
CA SER B 428 -17.18 10.52 -5.03
C SER B 428 -17.13 10.54 -3.53
N ASP B 429 -15.93 10.51 -2.98
CA ASP B 429 -15.75 10.55 -1.54
C ASP B 429 -16.10 11.95 -1.07
N THR B 430 -15.73 12.95 -1.87
CA THR B 430 -16.03 14.33 -1.52
C THR B 430 -17.54 14.53 -1.51
N LEU B 431 -18.23 14.01 -2.53
CA LEU B 431 -19.67 14.15 -2.61
C LEU B 431 -20.34 13.41 -1.44
N MET B 432 -19.76 12.29 -1.01
CA MET B 432 -20.30 11.51 0.09
C MET B 432 -20.28 12.30 1.39
N TYR B 433 -19.30 13.19 1.54
CA TYR B 433 -19.19 14.02 2.73
C TYR B 433 -20.07 15.25 2.56
N VAL B 434 -20.06 15.82 1.35
CA VAL B 434 -20.91 16.97 1.08
C VAL B 434 -22.32 16.55 1.44
N TYR B 435 -22.63 15.27 1.25
CA TYR B 435 -23.97 14.77 1.58
C TYR B 435 -24.23 14.93 3.06
N GLU B 436 -23.26 14.55 3.87
CA GLU B 436 -23.44 14.67 5.31
C GLU B 436 -23.56 16.11 5.78
N MET B 437 -23.03 17.04 5.00
CA MET B 437 -23.12 18.47 5.33
C MET B 437 -24.46 19.00 4.84
N LEU B 438 -24.89 18.59 3.66
CA LEU B 438 -26.14 19.14 3.11
C LEU B 438 -27.42 18.38 3.39
N GLY B 439 -27.28 17.12 3.76
CA GLY B 439 -28.44 16.31 4.06
C GLY B 439 -29.31 15.95 2.88
N ALA B 440 -30.60 15.83 3.15
CA ALA B 440 -31.52 15.47 2.09
C ALA B 440 -31.75 16.57 1.06
N GLU B 441 -31.37 17.82 1.37
CA GLU B 441 -31.57 18.89 0.40
C GLU B 441 -30.64 18.73 -0.80
N LEU B 442 -29.60 17.91 -0.63
CA LEU B 442 -28.65 17.66 -1.70
C LEU B 442 -29.33 16.73 -2.68
N LEU B 443 -30.11 15.81 -2.16
CA LEU B 443 -30.81 14.89 -3.03
C LEU B 443 -31.84 15.58 -3.85
N SER B 444 -32.53 16.56 -3.27
CA SER B 444 -33.57 17.27 -4.00
C SER B 444 -32.95 18.12 -5.07
N ASN B 445 -31.77 18.63 -4.74
CA ASN B 445 -31.00 19.48 -5.63
C ASN B 445 -30.65 18.67 -6.87
N LEU B 446 -30.28 17.41 -6.67
CA LEU B 446 -29.94 16.52 -7.77
C LEU B 446 -31.18 16.24 -8.62
N TYR B 447 -32.28 15.87 -7.97
CA TYR B 447 -33.51 15.62 -8.68
C TYR B 447 -33.87 16.76 -9.64
N ASP B 448 -33.78 18.00 -9.16
CA ASP B 448 -34.10 19.18 -9.97
C ASP B 448 -33.13 19.32 -11.15
N LYS B 449 -31.85 19.12 -10.91
CA LYS B 449 -30.88 19.24 -11.99
C LYS B 449 -31.13 18.19 -13.07
N LEU B 450 -31.32 16.95 -12.66
CA LEU B 450 -31.54 15.89 -13.64
C LEU B 450 -32.88 16.08 -14.33
N GLY B 451 -33.90 16.31 -13.52
CA GLY B 451 -35.22 16.51 -14.05
C GLY B 451 -35.23 17.62 -15.10
N ARG B 452 -34.54 18.72 -14.80
CA ARG B 452 -34.47 19.88 -15.70
C ARG B 452 -33.83 19.55 -17.02
N LEU B 453 -32.70 18.85 -16.94
CA LEU B 453 -31.98 18.48 -18.14
C LEU B 453 -32.79 17.52 -19.02
N LEU B 454 -33.54 16.60 -18.41
CA LEU B 454 -34.32 15.64 -19.18
C LEU B 454 -35.51 16.22 -19.93
N THR B 455 -36.12 17.25 -19.34
CA THR B 455 -37.28 17.87 -19.93
C THR B 455 -36.98 19.21 -20.61
N SER B 456 -36.09 20.01 -20.04
CA SER B 456 -35.78 21.28 -20.68
C SER B 456 -34.90 21.08 -21.91
N TYR B 461 -27.49 18.30 -24.49
CA TYR B 461 -27.94 17.05 -23.89
C TYR B 461 -26.89 15.95 -24.08
N SER B 462 -25.63 16.34 -24.03
CA SER B 462 -24.52 15.41 -24.19
C SER B 462 -24.60 14.35 -23.11
N TRP B 463 -24.32 13.11 -23.48
CA TRP B 463 -24.35 12.06 -22.50
C TRP B 463 -23.47 12.44 -21.32
N GLN B 464 -22.36 13.13 -21.61
CA GLN B 464 -21.39 13.54 -20.58
C GLN B 464 -22.01 14.31 -19.41
N HIS B 465 -22.83 15.29 -19.77
CA HIS B 465 -23.51 16.12 -18.81
C HIS B 465 -24.53 15.31 -17.98
N THR B 466 -25.26 14.42 -18.62
CA THR B 466 -26.25 13.58 -17.94
C THR B 466 -25.58 12.51 -17.10
N GLU B 467 -24.48 11.97 -17.61
CA GLU B 467 -23.74 10.92 -16.93
C GLU B 467 -23.12 11.45 -15.65
N ALA B 468 -22.68 12.71 -15.66
CA ALA B 468 -22.06 13.29 -14.48
C ALA B 468 -23.09 13.47 -13.36
N LEU B 469 -24.28 13.92 -13.74
CA LEU B 469 -25.32 14.14 -12.74
C LEU B 469 -25.72 12.82 -12.11
N LEU B 470 -25.72 11.75 -12.89
CA LEU B 470 -26.09 10.45 -12.35
C LEU B 470 -24.97 9.94 -11.47
N TYR B 471 -23.75 10.28 -11.87
CA TYR B 471 -22.55 9.88 -11.15
C TYR B 471 -22.60 10.48 -9.76
N GLY B 472 -23.20 11.67 -9.69
CA GLY B 472 -23.33 12.36 -8.43
C GLY B 472 -24.20 11.51 -7.54
N PHE B 473 -25.31 11.05 -8.11
CA PHE B 473 -26.24 10.22 -7.37
C PHE B 473 -25.58 8.89 -7.03
N GLN B 474 -24.75 8.38 -7.94
CA GLN B 474 -24.08 7.11 -7.66
C GLN B 474 -23.13 7.22 -6.48
N SER B 475 -22.38 8.31 -6.41
CA SER B 475 -21.43 8.44 -5.35
C SER B 475 -22.06 8.61 -3.97
N ILE B 476 -23.30 9.06 -3.94
CA ILE B 476 -24.03 9.27 -2.71
C ILE B 476 -25.03 8.16 -2.41
N ALA B 477 -25.39 7.39 -3.42
CA ALA B 477 -26.39 6.35 -3.22
C ALA B 477 -26.24 5.40 -2.03
N GLU B 478 -25.08 4.76 -1.84
CA GLU B 478 -24.95 3.84 -0.69
C GLU B 478 -25.00 4.50 0.69
N THR B 479 -24.54 5.74 0.79
CA THR B 479 -24.49 6.46 2.07
C THR B 479 -25.86 6.99 2.54
N ILE B 480 -26.80 7.14 1.61
CA ILE B 480 -28.11 7.66 1.96
C ILE B 480 -28.83 6.92 3.07
N ASP B 481 -29.24 7.66 4.08
CA ASP B 481 -29.99 7.10 5.17
C ASP B 481 -31.27 6.58 4.47
N VAL B 482 -32.13 5.84 5.16
CA VAL B 482 -33.36 5.36 4.50
C VAL B 482 -34.51 6.26 5.00
N ASN B 483 -34.17 7.12 5.95
CA ASN B 483 -35.12 8.02 6.57
C ASN B 483 -35.59 9.22 5.75
N TYR B 484 -34.71 9.80 4.95
CA TYR B 484 -35.06 10.97 4.14
C TYR B 484 -35.12 10.65 2.66
N SER B 485 -35.47 9.40 2.43
CA SER B 485 -35.55 8.74 1.13
C SER B 485 -36.88 8.90 0.39
N ASP B 486 -37.65 9.98 0.58
CA ASP B 486 -38.90 10.04 -0.22
C ASP B 486 -38.57 10.65 -1.58
N VAL B 487 -37.44 11.37 -1.59
CA VAL B 487 -36.91 12.03 -2.77
C VAL B 487 -36.29 10.97 -3.68
N VAL B 488 -35.77 9.90 -3.09
CA VAL B 488 -35.13 8.82 -3.82
C VAL B 488 -36.07 8.20 -4.85
N PRO B 489 -37.33 7.93 -4.47
CA PRO B 489 -38.22 7.34 -5.48
C PRO B 489 -38.34 8.22 -6.70
N GLY B 490 -38.39 9.52 -6.45
CA GLY B 490 -38.49 10.48 -7.53
C GLY B 490 -37.36 10.31 -8.53
N LEU B 491 -36.15 10.17 -8.00
CA LEU B 491 -34.95 10.00 -8.82
C LEU B 491 -34.92 8.69 -9.58
N ILE B 492 -35.38 7.63 -8.94
CA ILE B 492 -35.39 6.35 -9.60
C ILE B 492 -36.24 6.50 -10.85
N GLY B 493 -37.35 7.23 -10.72
CA GLY B 493 -38.24 7.42 -11.86
C GLY B 493 -37.59 8.07 -13.07
N LEU B 494 -36.72 9.05 -12.85
CA LEU B 494 -36.04 9.74 -13.94
C LEU B 494 -35.06 8.89 -14.74
N ILE B 495 -34.46 7.88 -14.12
CA ILE B 495 -33.50 7.02 -14.80
C ILE B 495 -34.08 6.45 -16.09
N PRO B 496 -35.26 5.80 -16.01
CA PRO B 496 -35.88 5.23 -17.22
C PRO B 496 -36.20 6.22 -18.34
N ARG B 497 -35.92 7.50 -18.11
CA ARG B 497 -36.19 8.53 -19.11
C ARG B 497 -34.90 9.00 -19.79
N ILE B 498 -33.77 8.50 -19.31
CA ILE B 498 -32.49 8.92 -19.90
C ILE B 498 -32.17 8.26 -21.24
N SER B 499 -31.57 9.03 -22.14
CA SER B 499 -31.14 8.50 -23.45
C SER B 499 -29.74 7.88 -23.28
N ILE B 500 -29.68 6.56 -23.18
CA ILE B 500 -28.41 5.85 -23.03
C ILE B 500 -27.67 5.73 -24.36
N SER B 501 -26.94 6.77 -24.69
CA SER B 501 -26.23 6.85 -25.96
C SER B 501 -24.78 6.41 -25.93
N ASN B 502 -24.24 6.27 -24.74
CA ASN B 502 -22.84 5.93 -24.57
C ASN B 502 -22.62 4.73 -23.63
N VAL B 503 -21.50 4.03 -23.77
CA VAL B 503 -21.25 2.88 -22.89
C VAL B 503 -20.96 3.38 -21.48
N GLN B 504 -20.30 4.53 -21.38
CA GLN B 504 -19.97 5.10 -20.08
C GLN B 504 -21.23 5.43 -19.28
N LEU B 505 -22.21 6.04 -19.95
CA LEU B 505 -23.48 6.38 -19.32
C LEU B 505 -24.25 5.11 -19.00
N ALA B 506 -24.06 4.10 -19.82
CA ALA B 506 -24.75 2.84 -19.61
C ALA B 506 -24.28 2.20 -18.30
N ASP B 507 -22.97 2.15 -18.09
CA ASP B 507 -22.46 1.56 -16.85
C ASP B 507 -22.92 2.37 -15.62
N THR B 508 -22.80 3.69 -15.67
CA THR B 508 -23.19 4.55 -14.56
C THR B 508 -24.61 4.24 -14.14
N VAL B 509 -25.50 4.15 -15.12
CA VAL B 509 -26.88 3.83 -14.85
C VAL B 509 -26.95 2.48 -14.12
N MET B 510 -26.22 1.47 -14.61
CA MET B 510 -26.24 0.17 -13.94
C MET B 510 -25.66 0.18 -12.54
N PHE B 511 -24.56 0.90 -12.37
CA PHE B 511 -23.91 0.99 -11.06
C PHE B 511 -24.76 1.73 -10.05
N THR B 512 -25.46 2.75 -10.51
CA THR B 512 -26.37 3.53 -9.67
C THR B 512 -27.47 2.57 -9.15
N ILE B 513 -28.04 1.79 -10.06
CA ILE B 513 -29.09 0.84 -9.70
C ILE B 513 -28.56 -0.21 -8.73
N GLY B 514 -27.29 -0.56 -8.88
CA GLY B 514 -26.72 -1.54 -7.98
C GLY B 514 -26.50 -0.93 -6.61
N ALA B 515 -26.08 0.34 -6.61
CA ALA B 515 -25.84 1.04 -5.37
C ALA B 515 -27.12 1.16 -4.57
N LEU B 516 -28.25 1.29 -5.26
CA LEU B 516 -29.55 1.39 -4.59
C LEU B 516 -30.13 0.02 -4.26
N SER B 517 -29.35 -1.02 -4.48
CA SER B 517 -29.81 -2.37 -4.17
C SER B 517 -30.37 -2.54 -2.78
N GLU B 518 -29.65 -2.06 -1.77
CA GLU B 518 -30.13 -2.25 -0.41
C GLU B 518 -31.40 -1.41 -0.16
N TRP B 519 -31.46 -0.20 -0.71
CA TRP B 519 -32.63 0.65 -0.54
C TRP B 519 -33.85 0.00 -1.18
N LEU B 520 -33.67 -0.68 -2.31
CA LEU B 520 -34.78 -1.32 -3.00
C LEU B 520 -35.36 -2.46 -2.20
N ALA B 521 -34.53 -3.14 -1.42
CA ALA B 521 -35.02 -4.28 -0.63
C ALA B 521 -36.09 -3.84 0.37
N ASP B 522 -36.03 -2.58 0.77
CA ASP B 522 -37.00 -2.00 1.71
C ASP B 522 -38.12 -1.29 0.97
N HIS B 523 -37.99 -1.04 -0.32
CA HIS B 523 -39.06 -0.36 -1.08
C HIS B 523 -39.29 -1.15 -2.36
N PRO B 524 -39.89 -2.32 -2.24
CA PRO B 524 -40.16 -3.20 -3.37
C PRO B 524 -40.95 -2.67 -4.57
N VAL B 525 -41.73 -1.62 -4.40
CA VAL B 525 -42.51 -1.17 -5.55
C VAL B 525 -41.63 -0.68 -6.68
N MET B 526 -40.56 0.01 -6.32
CA MET B 526 -39.63 0.54 -7.32
C MET B 526 -38.82 -0.49 -8.13
N ILE B 527 -38.83 -1.75 -7.70
CA ILE B 527 -38.12 -2.80 -8.40
C ILE B 527 -38.60 -2.83 -9.82
N ASN B 528 -39.92 -2.78 -9.95
CA ASN B 528 -40.53 -2.81 -11.26
C ASN B 528 -39.89 -1.80 -12.20
N SER B 529 -39.53 -0.63 -11.68
CA SER B 529 -38.94 0.43 -12.50
C SER B 529 -37.47 0.27 -12.91
N VAL B 530 -36.65 -0.29 -12.02
CA VAL B 530 -35.23 -0.44 -12.30
C VAL B 530 -34.91 -1.78 -12.99
N LEU B 531 -35.69 -2.82 -12.69
CA LEU B 531 -35.41 -4.13 -13.30
C LEU B 531 -35.40 -4.27 -14.84
N PRO B 532 -36.38 -3.68 -15.53
CA PRO B 532 -36.45 -3.75 -16.99
C PRO B 532 -35.16 -3.25 -17.62
N LEU B 533 -34.59 -2.21 -17.02
CA LEU B 533 -33.34 -1.64 -17.52
C LEU B 533 -32.19 -2.64 -17.34
N VAL B 534 -32.13 -3.30 -16.20
CA VAL B 534 -31.06 -4.22 -15.94
C VAL B 534 -31.14 -5.43 -16.86
N LEU B 535 -32.36 -5.96 -17.02
CA LEU B 535 -32.58 -7.12 -17.86
C LEU B 535 -32.35 -6.81 -19.33
N HIS B 536 -32.46 -5.55 -19.72
CA HIS B 536 -32.27 -5.23 -21.11
C HIS B 536 -30.77 -5.11 -21.40
N ALA B 537 -30.04 -4.57 -20.44
CA ALA B 537 -28.59 -4.39 -20.56
C ALA B 537 -27.87 -5.72 -20.61
N LEU B 538 -28.50 -6.73 -20.04
CA LEU B 538 -27.95 -8.05 -19.98
C LEU B 538 -27.68 -8.68 -21.35
N GLY B 539 -28.32 -8.17 -22.39
CA GLY B 539 -28.12 -8.73 -23.72
C GLY B 539 -27.01 -8.09 -24.54
N ASN B 540 -26.40 -7.05 -23.99
CA ASN B 540 -25.32 -6.36 -24.67
C ASN B 540 -23.99 -6.69 -24.06
N PRO B 541 -23.16 -7.48 -24.76
CA PRO B 541 -21.85 -7.84 -24.23
C PRO B 541 -20.97 -6.67 -23.77
N GLU B 542 -21.06 -5.53 -24.45
CA GLU B 542 -20.30 -4.34 -24.08
C GLU B 542 -20.69 -3.81 -22.68
N LEU B 543 -21.80 -4.31 -22.13
CA LEU B 543 -22.33 -3.96 -20.80
C LEU B 543 -22.48 -5.21 -19.93
N SER B 544 -21.59 -6.17 -20.12
CA SER B 544 -21.65 -7.43 -19.40
C SER B 544 -21.28 -7.37 -17.92
N VAL B 545 -20.15 -6.75 -17.61
CA VAL B 545 -19.69 -6.68 -16.23
C VAL B 545 -20.59 -5.89 -15.30
N SER B 546 -21.03 -4.74 -15.76
CA SER B 546 -21.91 -3.86 -14.97
C SER B 546 -23.33 -4.40 -14.79
N SER B 547 -23.91 -4.93 -15.86
CA SER B 547 -25.27 -5.46 -15.76
C SER B 547 -25.34 -6.69 -14.88
N VAL B 548 -24.40 -7.62 -15.05
CA VAL B 548 -24.41 -8.84 -14.23
C VAL B 548 -24.09 -8.53 -12.75
N SER B 549 -23.25 -7.55 -12.47
CA SER B 549 -22.99 -7.28 -11.08
C SER B 549 -24.26 -6.69 -10.46
N THR B 550 -24.90 -5.77 -11.17
CA THR B 550 -26.09 -5.19 -10.60
C THR B 550 -27.21 -6.20 -10.41
N LEU B 551 -27.35 -7.12 -11.35
CA LEU B 551 -28.38 -8.14 -11.24
C LEU B 551 -28.09 -9.01 -10.02
N LYS B 552 -26.82 -9.29 -9.78
CA LYS B 552 -26.43 -10.09 -8.64
C LYS B 552 -26.76 -9.38 -7.34
N LYS B 553 -26.48 -8.08 -7.28
CA LYS B 553 -26.74 -7.32 -6.07
C LYS B 553 -28.23 -7.28 -5.76
N ILE B 554 -29.04 -6.95 -6.76
CA ILE B 554 -30.48 -6.88 -6.61
C ILE B 554 -31.01 -8.25 -6.26
N CYS B 555 -30.47 -9.29 -6.89
CA CYS B 555 -30.94 -10.64 -6.59
C CYS B 555 -30.59 -11.09 -5.17
N ARG B 556 -29.52 -10.55 -4.62
CA ARG B 556 -29.10 -10.92 -3.28
C ARG B 556 -29.92 -10.18 -2.23
N GLU B 557 -30.20 -8.90 -2.53
CA GLU B 557 -30.95 -8.02 -1.64
C GLU B 557 -32.46 -8.14 -1.67
N CYS B 558 -33.03 -8.37 -2.84
CA CYS B 558 -34.46 -8.40 -2.93
C CYS B 558 -35.04 -9.78 -3.20
N LYS B 559 -34.27 -10.86 -3.05
CA LYS B 559 -34.83 -12.16 -3.34
C LYS B 559 -36.23 -12.37 -2.79
N TYR B 560 -36.51 -11.91 -1.59
CA TYR B 560 -37.84 -12.16 -1.06
C TYR B 560 -38.97 -11.38 -1.70
N ASP B 561 -38.63 -10.28 -2.36
CA ASP B 561 -39.63 -9.46 -3.04
C ASP B 561 -39.56 -9.65 -4.53
N LEU B 562 -38.60 -10.46 -4.98
CA LEU B 562 -38.43 -10.74 -6.39
C LEU B 562 -39.03 -12.05 -6.86
N PRO B 563 -39.78 -12.73 -6.00
CA PRO B 563 -40.36 -14.03 -6.35
C PRO B 563 -41.31 -13.93 -7.55
N PRO B 564 -42.10 -12.87 -7.60
CA PRO B 564 -43.04 -12.65 -8.71
C PRO B 564 -42.32 -12.51 -10.05
N TYR B 565 -41.18 -11.82 -10.04
CA TYR B 565 -40.41 -11.56 -11.25
C TYR B 565 -39.45 -12.67 -11.58
N ALA B 566 -39.41 -13.70 -10.75
CA ALA B 566 -38.41 -14.73 -10.90
C ALA B 566 -38.55 -15.31 -12.29
N ALA B 567 -39.78 -15.37 -12.78
CA ALA B 567 -40.03 -16.03 -14.04
C ALA B 567 -39.38 -15.27 -15.18
N ASN B 568 -39.56 -13.97 -15.19
CA ASN B 568 -38.99 -13.15 -16.25
C ASN B 568 -37.46 -13.12 -16.20
N ILE B 569 -36.91 -13.00 -14.99
CA ILE B 569 -35.47 -12.95 -14.78
C ILE B 569 -34.84 -14.25 -15.30
N VAL B 570 -35.36 -15.39 -14.87
CA VAL B 570 -34.80 -16.66 -15.30
C VAL B 570 -34.83 -16.82 -16.82
N ALA B 571 -35.84 -16.23 -17.47
CA ALA B 571 -35.97 -16.35 -18.91
C ALA B 571 -34.92 -15.53 -19.64
N VAL B 572 -34.77 -14.28 -19.22
CA VAL B 572 -33.80 -13.38 -19.84
C VAL B 572 -32.38 -13.84 -19.56
N SER B 573 -32.18 -14.57 -18.48
CA SER B 573 -30.84 -15.04 -18.16
C SER B 573 -30.50 -16.20 -19.04
N GLN B 574 -31.47 -17.09 -19.22
CA GLN B 574 -31.25 -18.28 -20.04
C GLN B 574 -30.97 -17.93 -21.47
N ASP B 575 -31.73 -16.97 -22.00
CA ASP B 575 -31.58 -16.51 -23.37
C ASP B 575 -30.18 -15.95 -23.56
N VAL B 576 -29.82 -15.00 -22.70
CA VAL B 576 -28.51 -14.36 -22.73
C VAL B 576 -27.32 -15.31 -22.69
N LEU B 577 -27.49 -16.41 -21.97
CA LEU B 577 -26.45 -17.42 -21.86
C LEU B 577 -26.36 -18.14 -23.18
N MET B 578 -27.52 -18.52 -23.71
CA MET B 578 -27.54 -19.23 -24.96
C MET B 578 -26.86 -18.46 -26.09
N LYS B 579 -26.82 -17.13 -26.00
CA LYS B 579 -26.21 -16.34 -27.06
C LYS B 579 -24.76 -15.95 -26.86
N GLN B 580 -24.10 -16.58 -25.91
CA GLN B 580 -22.70 -16.30 -25.63
C GLN B 580 -22.45 -14.80 -25.49
N ILE B 581 -23.33 -14.10 -24.78
CA ILE B 581 -23.21 -12.67 -24.60
C ILE B 581 -22.20 -12.27 -23.52
N HIS B 582 -21.99 -13.21 -22.59
CA HIS B 582 -21.10 -13.00 -21.43
C HIS B 582 -19.87 -13.91 -21.31
N LYS B 583 -18.74 -13.33 -20.90
CA LYS B 583 -17.50 -14.09 -20.72
C LYS B 583 -17.61 -15.00 -19.50
N THR B 584 -16.93 -16.13 -19.53
CA THR B 584 -17.03 -17.09 -18.45
C THR B 584 -17.19 -16.54 -17.02
N SER B 585 -16.32 -15.62 -16.62
CA SER B 585 -16.36 -15.07 -15.26
C SER B 585 -17.73 -14.47 -14.93
N GLN B 586 -18.35 -13.76 -15.88
CA GLN B 586 -19.67 -13.18 -15.68
C GLN B 586 -20.77 -14.20 -15.82
N CYS B 587 -20.49 -15.34 -16.43
CA CYS B 587 -21.49 -16.38 -16.56
C CYS B 587 -21.69 -16.95 -15.16
N MET B 588 -20.60 -17.03 -14.41
CA MET B 588 -20.62 -17.58 -13.04
C MET B 588 -21.35 -16.64 -12.06
N TRP B 589 -21.20 -15.34 -12.26
CA TRP B 589 -21.87 -14.33 -11.45
C TRP B 589 -23.37 -14.44 -11.68
N LEU B 590 -23.74 -14.58 -12.95
CA LEU B 590 -25.13 -14.69 -13.31
C LEU B 590 -25.74 -15.94 -12.67
N MET B 591 -24.97 -17.03 -12.60
CA MET B 591 -25.48 -18.24 -11.96
C MET B 591 -25.67 -18.02 -10.46
N GLN B 592 -24.77 -17.26 -9.84
CA GLN B 592 -24.87 -16.97 -8.42
C GLN B 592 -26.09 -16.12 -8.23
N ALA B 593 -26.27 -15.16 -9.13
CA ALA B 593 -27.43 -14.31 -9.06
C ALA B 593 -28.67 -15.19 -9.04
N LEU B 594 -28.78 -16.13 -9.96
CA LEU B 594 -29.96 -17.01 -10.02
C LEU B 594 -30.14 -17.90 -8.81
N GLY B 595 -29.01 -18.25 -8.17
CA GLY B 595 -29.07 -19.07 -6.99
C GLY B 595 -29.92 -18.36 -5.95
N PHE B 596 -29.60 -17.09 -5.70
CA PHE B 596 -30.33 -16.24 -4.76
C PHE B 596 -31.80 -16.21 -5.15
N LEU B 597 -32.05 -15.77 -6.37
CA LEU B 597 -33.41 -15.67 -6.88
C LEU B 597 -34.25 -16.92 -6.62
N LEU B 598 -33.71 -18.09 -6.95
CA LEU B 598 -34.48 -19.31 -6.75
C LEU B 598 -34.64 -19.74 -5.31
N SER B 599 -33.68 -19.40 -4.47
CA SER B 599 -33.78 -19.80 -3.07
C SER B 599 -35.05 -19.25 -2.42
N ALA B 600 -35.68 -18.25 -3.06
CA ALA B 600 -36.89 -17.62 -2.53
C ALA B 600 -38.23 -18.11 -3.12
N LEU B 601 -38.19 -19.10 -3.99
CA LEU B 601 -39.38 -19.66 -4.60
C LEU B 601 -39.81 -20.99 -3.98
N GLN B 602 -41.09 -21.32 -4.11
CA GLN B 602 -41.61 -22.58 -3.58
C GLN B 602 -40.84 -23.74 -4.26
N VAL B 603 -40.62 -24.82 -3.52
CA VAL B 603 -39.87 -25.96 -4.03
C VAL B 603 -40.29 -26.41 -5.41
N GLU B 604 -41.60 -26.40 -5.66
CA GLU B 604 -42.13 -26.80 -6.94
C GLU B 604 -41.57 -25.89 -8.02
N GLU B 605 -41.49 -24.58 -7.72
CA GLU B 605 -40.98 -23.62 -8.70
C GLU B 605 -39.48 -23.74 -8.92
N ILE B 606 -38.75 -24.03 -7.85
CA ILE B 606 -37.31 -24.18 -7.98
C ILE B 606 -36.99 -25.29 -8.97
N LEU B 607 -37.74 -26.38 -8.85
CA LEU B 607 -37.58 -27.54 -9.70
C LEU B 607 -37.83 -27.28 -11.16
N LYS B 608 -38.89 -26.53 -11.47
CA LYS B 608 -39.25 -26.22 -12.85
C LYS B 608 -38.16 -25.36 -13.50
N ASN B 609 -37.59 -24.44 -12.71
CA ASN B 609 -36.55 -23.57 -13.22
C ASN B 609 -35.18 -24.22 -13.24
N LEU B 610 -34.88 -25.05 -12.25
CA LEU B 610 -33.59 -25.73 -12.23
C LEU B 610 -33.42 -26.55 -13.49
N HIS B 611 -34.49 -27.23 -13.89
CA HIS B 611 -34.42 -28.05 -15.10
C HIS B 611 -34.30 -27.14 -16.31
N SER B 612 -35.01 -26.03 -16.33
CA SER B 612 -34.94 -25.11 -17.46
C SER B 612 -33.52 -24.65 -17.68
N LEU B 613 -32.83 -24.45 -16.56
CA LEU B 613 -31.46 -23.97 -16.57
C LEU B 613 -30.43 -25.04 -16.90
N ILE B 614 -30.55 -26.21 -16.28
CA ILE B 614 -29.57 -27.27 -16.50
C ILE B 614 -29.80 -28.21 -17.68
N SER B 615 -31.06 -28.44 -18.05
CA SER B 615 -31.36 -29.33 -19.16
C SER B 615 -30.54 -29.01 -20.42
N PRO B 616 -30.54 -27.74 -20.84
CA PRO B 616 -29.79 -27.32 -22.03
C PRO B 616 -28.27 -27.44 -21.95
N TYR B 617 -27.73 -27.75 -20.77
CA TYR B 617 -26.29 -27.89 -20.62
C TYR B 617 -25.95 -29.35 -20.36
N ILE B 618 -26.84 -30.05 -19.67
CA ILE B 618 -26.63 -31.47 -19.41
C ILE B 618 -26.47 -32.13 -20.78
N GLN B 619 -27.14 -31.57 -21.80
CA GLN B 619 -27.03 -32.12 -23.16
C GLN B 619 -25.63 -31.85 -23.71
N GLN B 620 -25.18 -30.60 -23.65
CA GLN B 620 -23.86 -30.21 -24.13
C GLN B 620 -22.75 -30.96 -23.39
N LEU B 621 -22.97 -31.22 -22.11
CA LEU B 621 -21.99 -31.95 -21.31
C LEU B 621 -21.90 -33.34 -21.88
N GLU B 622 -23.05 -33.93 -22.13
CA GLU B 622 -23.09 -35.29 -22.67
C GLU B 622 -22.37 -35.41 -23.99
N LYS B 623 -22.67 -34.53 -24.93
CA LYS B 623 -21.96 -34.60 -26.19
C LYS B 623 -20.47 -34.55 -25.84
N LEU B 624 -20.12 -33.70 -24.87
CA LEU B 624 -18.73 -33.51 -24.44
C LEU B 624 -18.12 -34.71 -23.69
N ALA B 625 -18.92 -35.39 -22.88
CA ALA B 625 -18.44 -36.55 -22.14
C ALA B 625 -18.06 -37.67 -23.10
N GLU B 626 -18.91 -37.93 -24.09
CA GLU B 626 -18.62 -38.98 -25.08
C GLU B 626 -17.52 -38.55 -26.07
N GLU B 627 -17.13 -37.27 -26.03
CA GLU B 627 -16.09 -36.73 -26.90
C GLU B 627 -14.72 -37.14 -26.38
N ILE B 628 -13.73 -37.14 -27.27
CA ILE B 628 -12.37 -37.47 -26.88
C ILE B 628 -11.73 -36.22 -26.31
N PRO B 629 -11.14 -36.31 -25.11
CA PRO B 629 -10.48 -35.18 -24.45
C PRO B 629 -9.62 -34.26 -25.36
N ASN B 630 -9.85 -32.95 -25.30
CA ASN B 630 -9.11 -31.98 -26.09
C ASN B 630 -8.90 -30.74 -25.25
N PRO B 631 -7.94 -29.88 -25.63
CA PRO B 631 -7.69 -28.65 -24.87
C PRO B 631 -8.94 -27.76 -24.82
N SER B 632 -9.63 -27.68 -25.96
CA SER B 632 -10.85 -26.90 -26.11
C SER B 632 -11.99 -27.65 -25.43
N ASN B 633 -11.89 -28.97 -25.44
CA ASN B 633 -12.89 -29.84 -24.83
C ASN B 633 -12.88 -29.66 -23.31
N LYS B 634 -11.69 -29.43 -22.77
CA LYS B 634 -11.51 -29.24 -21.33
C LYS B 634 -12.07 -27.89 -20.88
N LEU B 635 -11.77 -26.83 -21.63
CA LEU B 635 -12.29 -25.50 -21.26
C LEU B 635 -13.81 -25.50 -21.18
N ALA B 636 -14.44 -26.19 -22.13
CA ALA B 636 -15.88 -26.27 -22.20
C ALA B 636 -16.47 -27.09 -21.06
N ILE B 637 -15.90 -28.27 -20.81
CA ILE B 637 -16.38 -29.15 -19.75
C ILE B 637 -16.28 -28.44 -18.41
N VAL B 638 -15.17 -27.75 -18.21
CA VAL B 638 -14.91 -27.02 -16.98
C VAL B 638 -15.89 -25.87 -16.77
N HIS B 639 -16.10 -25.06 -17.81
CA HIS B 639 -17.02 -23.93 -17.72
C HIS B 639 -18.44 -24.38 -17.33
N ILE B 640 -18.89 -25.52 -17.86
CA ILE B 640 -20.23 -26.00 -17.55
C ILE B 640 -20.31 -26.49 -16.12
N LEU B 641 -19.27 -27.15 -15.65
CA LEU B 641 -19.28 -27.60 -14.27
C LEU B 641 -19.30 -26.37 -13.38
N GLY B 642 -18.51 -25.35 -13.76
CA GLY B 642 -18.44 -24.13 -12.99
C GLY B 642 -19.82 -23.52 -12.78
N LEU B 643 -20.62 -23.49 -13.84
CA LEU B 643 -21.95 -22.92 -13.74
C LEU B 643 -22.69 -23.60 -12.60
N LEU B 644 -22.68 -24.94 -12.59
CA LEU B 644 -23.35 -25.69 -11.54
C LEU B 644 -22.88 -25.39 -10.11
N SER B 645 -21.56 -25.47 -9.87
CA SER B 645 -21.03 -25.21 -8.54
C SER B 645 -21.34 -23.78 -8.13
N ASN B 646 -21.32 -22.84 -9.09
CA ASN B 646 -21.65 -21.44 -8.78
C ASN B 646 -23.14 -21.25 -8.52
N LEU B 647 -23.94 -22.13 -9.12
CA LEU B 647 -25.36 -22.03 -8.93
C LEU B 647 -25.70 -22.49 -7.52
N PHE B 648 -25.11 -23.60 -7.11
CA PHE B 648 -25.36 -24.23 -5.79
C PHE B 648 -24.72 -23.51 -4.62
N THR B 649 -23.89 -22.51 -4.88
CA THR B 649 -23.25 -21.76 -3.80
C THR B 649 -24.26 -20.81 -3.20
N THR B 650 -25.00 -20.15 -4.07
CA THR B 650 -25.96 -19.21 -3.62
C THR B 650 -27.33 -19.82 -3.41
N LEU B 651 -27.58 -21.02 -3.93
CA LEU B 651 -28.90 -21.61 -3.75
C LEU B 651 -29.11 -22.45 -2.49
N ASP B 652 -29.24 -21.81 -1.33
CA ASP B 652 -29.48 -22.55 -0.09
C ASP B 652 -30.94 -22.47 0.28
N ILE B 653 -31.67 -23.52 0.00
CA ILE B 653 -33.09 -23.57 0.29
C ILE B 653 -33.33 -23.58 1.80
N SER B 654 -32.44 -24.23 2.54
CA SER B 654 -32.56 -24.33 4.00
C SER B 654 -32.47 -23.04 4.78
N HIS B 655 -31.55 -22.15 4.40
CA HIS B 655 -31.41 -20.88 5.11
C HIS B 655 -31.26 -19.73 4.13
N PRO B 674 -38.60 -33.61 -1.37
CA PRO B 674 -38.26 -32.55 -2.31
C PRO B 674 -36.75 -32.50 -2.64
N ASN B 675 -36.03 -31.60 -1.97
CA ASN B 675 -34.57 -31.42 -2.18
C ASN B 675 -34.23 -31.35 -3.66
N PRO B 676 -34.72 -30.31 -4.35
CA PRO B 676 -34.43 -30.20 -5.79
C PRO B 676 -32.97 -30.38 -6.11
N VAL B 677 -32.12 -29.78 -5.29
CA VAL B 677 -30.68 -29.89 -5.49
C VAL B 677 -30.24 -31.36 -5.42
N VAL B 678 -30.85 -32.12 -4.52
CA VAL B 678 -30.51 -33.54 -4.34
C VAL B 678 -30.87 -34.37 -5.56
N VAL B 679 -32.05 -34.11 -6.11
CA VAL B 679 -32.51 -34.82 -7.30
C VAL B 679 -31.59 -34.46 -8.45
N VAL B 680 -31.38 -33.16 -8.61
CA VAL B 680 -30.52 -32.67 -9.67
C VAL B 680 -29.16 -33.30 -9.55
N LEU B 681 -28.72 -33.50 -8.32
CA LEU B 681 -27.41 -34.10 -8.06
C LEU B 681 -27.38 -35.56 -8.53
N GLN B 682 -28.39 -36.31 -8.13
CA GLN B 682 -28.50 -37.71 -8.45
C GLN B 682 -28.57 -37.92 -9.95
N GLN B 683 -29.29 -37.01 -10.60
CA GLN B 683 -29.45 -37.07 -12.05
C GLN B 683 -28.16 -36.70 -12.76
N VAL B 684 -27.46 -35.70 -12.24
CA VAL B 684 -26.22 -35.27 -12.85
C VAL B 684 -25.05 -36.18 -12.51
N PHE B 685 -25.13 -36.81 -11.34
CA PHE B 685 -24.07 -37.69 -10.88
C PHE B 685 -23.76 -38.74 -11.95
N GLN B 686 -24.81 -39.26 -12.58
CA GLN B 686 -24.62 -40.26 -13.62
C GLN B 686 -23.73 -39.70 -14.72
N LEU B 687 -23.91 -38.43 -15.09
CA LEU B 687 -23.09 -37.82 -16.15
C LEU B 687 -21.72 -37.47 -15.61
N ILE B 688 -21.71 -37.02 -14.37
CA ILE B 688 -20.47 -36.64 -13.70
C ILE B 688 -19.49 -37.79 -13.84
N GLN B 689 -19.90 -38.96 -13.36
CA GLN B 689 -19.03 -40.14 -13.45
C GLN B 689 -18.49 -40.35 -14.85
N LYS B 690 -19.35 -40.16 -15.84
CA LYS B 690 -18.95 -40.33 -17.23
C LYS B 690 -17.72 -39.46 -17.51
N VAL B 691 -17.77 -38.20 -17.07
CA VAL B 691 -16.66 -37.28 -17.27
C VAL B 691 -15.41 -37.74 -16.53
N LEU B 692 -15.58 -38.24 -15.30
CA LEU B 692 -14.42 -38.68 -14.53
C LEU B 692 -13.61 -39.77 -15.20
N SER B 693 -14.29 -40.59 -15.99
CA SER B 693 -13.62 -41.69 -16.67
C SER B 693 -12.52 -41.24 -17.61
N LYS B 694 -12.77 -40.19 -18.39
CA LYS B 694 -11.75 -39.74 -19.33
C LYS B 694 -10.86 -38.61 -18.80
N TRP B 695 -11.27 -38.02 -17.68
CA TRP B 695 -10.54 -36.89 -17.10
C TRP B 695 -10.14 -37.12 -15.64
N LEU B 696 -10.18 -38.35 -15.18
CA LEU B 696 -9.82 -38.57 -13.79
C LEU B 696 -8.38 -38.11 -13.57
N ASN B 697 -7.65 -37.87 -14.65
CA ASN B 697 -6.27 -37.41 -14.57
C ASN B 697 -6.05 -35.94 -14.86
N ASP B 698 -7.14 -35.18 -14.98
CA ASP B 698 -6.93 -33.77 -15.23
C ASP B 698 -7.08 -33.03 -13.91
N ALA B 699 -6.07 -32.22 -13.62
CA ALA B 699 -6.02 -31.42 -12.41
C ALA B 699 -7.12 -30.38 -12.45
N GLN B 700 -7.22 -29.70 -13.57
CA GLN B 700 -8.23 -28.66 -13.72
C GLN B 700 -9.65 -29.21 -13.60
N VAL B 701 -9.90 -30.36 -14.21
CA VAL B 701 -11.22 -30.98 -14.21
C VAL B 701 -11.56 -31.70 -12.91
N VAL B 702 -10.59 -32.44 -12.38
CA VAL B 702 -10.82 -33.16 -11.15
C VAL B 702 -11.20 -32.24 -9.98
N GLU B 703 -10.85 -30.96 -10.08
CA GLU B 703 -11.18 -30.03 -9.02
C GLU B 703 -12.50 -29.29 -9.22
N ALA B 704 -12.87 -29.08 -10.48
CA ALA B 704 -14.11 -28.42 -10.84
C ALA B 704 -15.25 -29.30 -10.37
N VAL B 705 -15.01 -30.61 -10.44
CA VAL B 705 -15.98 -31.62 -10.02
C VAL B 705 -16.06 -31.61 -8.50
N CYS B 706 -14.89 -31.45 -7.89
CA CYS B 706 -14.78 -31.40 -6.44
C CYS B 706 -15.58 -30.20 -5.92
N ALA B 707 -15.43 -29.07 -6.61
CA ALA B 707 -16.11 -27.81 -6.27
C ALA B 707 -17.63 -27.93 -6.32
N ILE B 708 -18.13 -28.69 -7.28
CA ILE B 708 -19.55 -28.87 -7.39
C ILE B 708 -20.08 -29.56 -6.14
N PHE B 709 -19.29 -30.45 -5.55
CA PHE B 709 -19.74 -31.15 -4.36
C PHE B 709 -19.47 -30.36 -3.08
N GLU B 710 -18.42 -29.55 -3.11
CA GLU B 710 -18.08 -28.70 -1.98
C GLU B 710 -19.24 -27.73 -1.73
N LYS B 711 -19.63 -26.98 -2.76
CA LYS B 711 -20.70 -26.00 -2.67
C LYS B 711 -22.07 -26.61 -2.42
N SER B 712 -22.24 -27.85 -2.86
CA SER B 712 -23.48 -28.57 -2.67
C SER B 712 -23.59 -28.94 -1.21
N VAL B 713 -22.54 -29.57 -0.68
CA VAL B 713 -22.53 -29.98 0.73
C VAL B 713 -22.71 -28.78 1.68
N LYS B 714 -22.19 -27.61 1.32
CA LYS B 714 -22.33 -26.41 2.14
C LYS B 714 -23.74 -25.86 2.05
N THR B 715 -24.44 -26.17 0.99
CA THR B 715 -25.80 -25.70 0.87
C THR B 715 -26.76 -26.74 1.41
N LEU B 716 -26.54 -28.00 1.05
CA LEU B 716 -27.42 -29.07 1.49
C LEU B 716 -27.16 -29.47 2.92
N LEU B 717 -25.88 -29.60 3.26
CA LEU B 717 -25.46 -30.03 4.60
C LEU B 717 -25.95 -31.43 4.88
N ASP B 718 -26.77 -31.53 5.91
CA ASP B 718 -27.33 -32.79 6.35
C ASP B 718 -28.27 -33.42 5.32
N ASP B 719 -28.99 -32.59 4.58
CA ASP B 719 -29.94 -33.11 3.61
C ASP B 719 -29.23 -33.79 2.44
N PHE B 720 -27.92 -33.58 2.38
CA PHE B 720 -27.09 -34.17 1.34
C PHE B 720 -26.86 -35.68 1.60
N ALA B 721 -27.24 -36.15 2.80
CA ALA B 721 -27.08 -37.55 3.20
C ALA B 721 -27.24 -38.62 2.11
N PRO B 722 -28.21 -38.47 1.19
CA PRO B 722 -28.40 -39.46 0.12
C PRO B 722 -27.16 -39.69 -0.70
N MET B 723 -26.54 -38.57 -1.07
CA MET B 723 -25.35 -38.59 -1.89
C MET B 723 -24.06 -39.06 -1.23
N VAL B 724 -24.00 -39.08 0.11
CA VAL B 724 -22.75 -39.45 0.77
C VAL B 724 -22.11 -40.69 0.15
N PRO B 725 -22.82 -41.81 0.19
CA PRO B 725 -22.33 -43.09 -0.37
C PRO B 725 -21.73 -42.92 -1.77
N GLN B 726 -22.46 -42.29 -2.68
CA GLN B 726 -21.96 -42.11 -4.04
C GLN B 726 -20.74 -41.19 -4.09
N LEU B 727 -20.79 -40.12 -3.30
CA LEU B 727 -19.72 -39.16 -3.26
C LEU B 727 -18.42 -39.73 -2.71
N CYS B 728 -18.50 -40.49 -1.63
CA CYS B 728 -17.28 -41.06 -1.05
C CYS B 728 -16.57 -41.96 -2.05
N GLU B 729 -17.35 -42.76 -2.76
CA GLU B 729 -16.78 -43.68 -3.75
C GLU B 729 -16.07 -42.89 -4.85
N MET B 730 -16.70 -41.80 -5.26
CA MET B 730 -16.15 -40.96 -6.31
C MET B 730 -14.92 -40.20 -5.84
N LEU B 731 -14.96 -39.74 -4.59
CA LEU B 731 -13.84 -38.99 -4.02
C LEU B 731 -12.61 -39.87 -3.82
N GLY B 732 -12.81 -41.08 -3.32
CA GLY B 732 -11.68 -41.97 -3.12
C GLY B 732 -10.89 -42.24 -4.39
N ARG B 733 -11.61 -42.35 -5.52
CA ARG B 733 -11.00 -42.61 -6.82
C ARG B 733 -10.32 -41.35 -7.31
N MET B 734 -10.97 -40.23 -7.04
CA MET B 734 -10.43 -38.95 -7.43
C MET B 734 -9.12 -38.74 -6.72
N TYR B 735 -9.16 -38.91 -5.39
CA TYR B 735 -7.97 -38.69 -4.59
C TYR B 735 -6.78 -39.58 -4.95
N SER B 736 -7.07 -40.86 -5.23
CA SER B 736 -6.04 -41.81 -5.60
C SER B 736 -5.35 -41.39 -6.88
N THR B 737 -6.13 -41.08 -7.89
CA THR B 737 -5.57 -40.69 -9.17
C THR B 737 -4.80 -39.37 -9.07
N ILE B 738 -5.45 -38.37 -8.51
CA ILE B 738 -4.82 -37.08 -8.38
C ILE B 738 -5.14 -36.46 -7.03
N PRO B 739 -4.21 -36.57 -6.08
CA PRO B 739 -4.47 -35.98 -4.75
C PRO B 739 -4.42 -34.46 -4.71
N GLN B 740 -5.41 -33.90 -4.02
CA GLN B 740 -5.53 -32.45 -3.89
C GLN B 740 -6.12 -32.06 -2.56
N ALA B 741 -5.64 -30.94 -2.03
CA ALA B 741 -6.12 -30.45 -0.75
C ALA B 741 -7.65 -30.36 -0.74
N SER B 742 -8.21 -29.78 -1.81
CA SER B 742 -9.65 -29.63 -1.93
C SER B 742 -10.39 -30.91 -1.52
N ALA B 743 -9.89 -32.08 -1.90
CA ALA B 743 -10.56 -33.35 -1.57
C ALA B 743 -10.55 -33.64 -0.06
N LEU B 744 -9.42 -33.33 0.57
CA LEU B 744 -9.28 -33.53 2.01
C LEU B 744 -10.27 -32.55 2.68
N ASP B 745 -10.32 -31.32 2.18
CA ASP B 745 -11.24 -30.35 2.75
C ASP B 745 -12.68 -30.82 2.69
N LEU B 746 -13.09 -31.43 1.58
CA LEU B 746 -14.48 -31.90 1.47
C LEU B 746 -14.70 -33.09 2.38
N THR B 747 -13.65 -33.90 2.56
CA THR B 747 -13.75 -35.07 3.42
C THR B 747 -13.96 -34.62 4.85
N ARG B 748 -13.26 -33.55 5.21
CA ARG B 748 -13.35 -32.96 6.54
C ARG B 748 -14.74 -32.39 6.73
N GLN B 749 -15.29 -31.84 5.66
CA GLN B 749 -16.62 -31.26 5.72
C GLN B 749 -17.62 -32.37 5.99
N LEU B 750 -17.37 -33.52 5.37
CA LEU B 750 -18.25 -34.66 5.52
C LEU B 750 -18.21 -35.20 6.95
N VAL B 751 -17.01 -35.46 7.46
CA VAL B 751 -16.80 -35.96 8.82
C VAL B 751 -17.52 -35.06 9.84
N HIS B 752 -17.34 -33.76 9.72
CA HIS B 752 -17.97 -32.81 10.60
C HIS B 752 -19.49 -32.87 10.53
N ILE B 753 -19.99 -32.90 9.30
CA ILE B 753 -21.42 -32.94 9.05
C ILE B 753 -22.12 -34.22 9.46
N PHE B 754 -21.51 -35.38 9.21
CA PHE B 754 -22.16 -36.65 9.53
C PHE B 754 -21.48 -37.44 10.63
N ALA B 755 -20.79 -36.73 11.52
CA ALA B 755 -20.10 -37.39 12.60
C ALA B 755 -21.06 -37.92 13.66
N HIS B 756 -22.20 -37.25 13.84
CA HIS B 756 -23.13 -37.69 14.89
C HIS B 756 -24.11 -38.83 14.52
N GLU B 757 -24.53 -38.91 13.26
CA GLU B 757 -25.45 -39.94 12.81
C GLU B 757 -24.68 -41.15 12.30
N PRO B 758 -24.71 -42.27 13.03
CA PRO B 758 -23.97 -43.46 12.60
C PRO B 758 -24.56 -44.18 11.40
N ALA B 759 -25.79 -43.83 11.03
CA ALA B 759 -26.44 -44.47 9.90
C ALA B 759 -25.68 -44.20 8.62
N HIS B 760 -25.47 -42.93 8.34
CA HIS B 760 -24.80 -42.51 7.11
C HIS B 760 -23.29 -42.51 7.14
N PHE B 761 -22.70 -42.40 8.33
CA PHE B 761 -21.24 -42.33 8.51
C PHE B 761 -20.37 -43.46 7.98
N PRO B 762 -20.84 -44.71 8.02
CA PRO B 762 -19.96 -45.78 7.52
C PRO B 762 -19.19 -45.46 6.21
N PRO B 763 -19.87 -44.96 5.16
CA PRO B 763 -19.12 -44.65 3.92
C PRO B 763 -17.95 -43.66 4.14
N ILE B 764 -18.19 -42.63 4.95
CA ILE B 764 -17.16 -41.62 5.23
C ILE B 764 -15.93 -42.23 5.90
N GLU B 765 -16.16 -43.16 6.82
CA GLU B 765 -15.05 -43.83 7.50
C GLU B 765 -14.11 -44.45 6.47
N ALA B 766 -14.71 -45.05 5.44
CA ALA B 766 -13.95 -45.70 4.39
C ALA B 766 -13.10 -44.66 3.67
N LEU B 767 -13.75 -43.56 3.30
CA LEU B 767 -13.07 -42.46 2.62
C LEU B 767 -11.91 -41.92 3.47
N PHE B 768 -12.15 -41.76 4.77
CA PHE B 768 -11.13 -41.25 5.67
C PHE B 768 -9.84 -42.06 5.65
N LEU B 769 -9.99 -43.38 5.76
CA LEU B 769 -8.86 -44.29 5.77
C LEU B 769 -8.11 -44.26 4.42
N LEU B 770 -8.87 -44.32 3.33
CA LEU B 770 -8.27 -44.31 2.00
C LEU B 770 -7.42 -43.06 1.78
N VAL B 771 -8.02 -41.92 2.04
CA VAL B 771 -7.36 -40.64 1.85
C VAL B 771 -6.06 -40.52 2.66
N THR B 772 -6.09 -41.03 3.89
CA THR B 772 -4.93 -41.01 4.76
C THR B 772 -3.81 -41.91 4.20
N SER B 773 -4.17 -43.10 3.75
CA SER B 773 -3.21 -44.05 3.16
C SER B 773 -2.47 -43.39 2.03
N VAL B 774 -3.25 -42.77 1.15
CA VAL B 774 -2.70 -42.09 -0.01
C VAL B 774 -1.88 -40.87 0.34
N THR B 775 -2.34 -40.10 1.31
CA THR B 775 -1.61 -38.92 1.70
C THR B 775 -0.29 -39.31 2.36
N LEU B 776 -0.33 -40.28 3.26
CA LEU B 776 0.90 -40.74 3.92
C LEU B 776 1.94 -41.23 2.93
N THR B 777 1.52 -42.04 1.97
CA THR B 777 2.48 -42.55 1.00
C THR B 777 3.06 -41.45 0.10
N LEU B 778 2.25 -40.44 -0.22
CA LEU B 778 2.69 -39.32 -1.07
C LEU B 778 3.59 -38.39 -0.30
N PHE B 779 3.46 -38.46 1.03
CA PHE B 779 4.24 -37.62 1.92
C PHE B 779 5.66 -38.14 1.98
N GLN B 780 5.79 -39.46 1.95
CA GLN B 780 7.08 -40.11 2.02
C GLN B 780 8.02 -39.81 0.85
N GLN B 781 7.44 -39.58 -0.33
CA GLN B 781 8.24 -39.30 -1.52
C GLN B 781 8.94 -37.98 -1.47
N GLY B 782 8.20 -36.97 -1.04
CA GLY B 782 8.78 -35.64 -0.93
C GLY B 782 7.88 -34.89 0.01
N PRO B 783 8.03 -35.10 1.33
CA PRO B 783 7.21 -34.44 2.34
C PRO B 783 6.99 -32.94 2.21
N ARG B 784 8.01 -32.18 1.88
CA ARG B 784 7.81 -30.74 1.75
C ARG B 784 7.34 -30.24 0.39
N ASP B 785 6.80 -31.13 -0.45
CA ASP B 785 6.37 -30.72 -1.78
C ASP B 785 4.94 -30.27 -1.90
N HIS B 786 4.13 -30.54 -0.88
CA HIS B 786 2.73 -30.15 -0.94
C HIS B 786 2.22 -29.55 0.36
N PRO B 787 2.72 -28.35 0.71
CA PRO B 787 2.33 -27.65 1.93
C PRO B 787 0.83 -27.64 2.13
N ASP B 788 0.08 -27.27 1.09
CA ASP B 788 -1.39 -27.24 1.15
C ASP B 788 -2.09 -28.57 1.51
N ILE B 789 -1.60 -29.68 0.94
CA ILE B 789 -2.17 -30.98 1.22
C ILE B 789 -1.86 -31.35 2.68
N VAL B 790 -0.62 -31.10 3.10
CA VAL B 790 -0.19 -31.40 4.48
C VAL B 790 -1.06 -30.59 5.43
N ASP B 791 -1.25 -29.33 5.11
CA ASP B 791 -2.10 -28.44 5.91
C ASP B 791 -3.49 -29.07 6.06
N SER B 792 -4.16 -29.30 4.93
CA SER B 792 -5.50 -29.89 4.93
C SER B 792 -5.56 -31.23 5.62
N PHE B 793 -4.52 -32.02 5.44
CA PHE B 793 -4.46 -33.33 6.05
C PHE B 793 -4.44 -33.20 7.56
N MET B 794 -3.69 -32.23 8.05
CA MET B 794 -3.62 -32.02 9.48
C MET B 794 -4.98 -31.57 10.00
N GLN B 795 -5.66 -30.71 9.24
CA GLN B 795 -6.98 -30.22 9.62
C GLN B 795 -7.99 -31.34 9.66
N LEU B 796 -7.94 -32.21 8.66
CA LEU B 796 -8.85 -33.34 8.60
C LEU B 796 -8.61 -34.19 9.83
N LEU B 797 -7.37 -34.62 10.04
CA LEU B 797 -7.04 -35.45 11.20
C LEU B 797 -7.53 -34.90 12.54
N ALA B 798 -7.36 -33.60 12.74
CA ALA B 798 -7.79 -32.92 13.96
C ALA B 798 -9.33 -32.94 14.08
N GLN B 799 -9.99 -32.80 12.94
CA GLN B 799 -11.42 -32.82 12.90
C GLN B 799 -11.91 -34.21 13.29
N ALA B 800 -11.18 -35.22 12.85
CA ALA B 800 -11.58 -36.57 13.19
C ALA B 800 -11.43 -36.76 14.69
N LEU B 801 -10.29 -36.33 15.25
CA LEU B 801 -10.04 -36.44 16.68
C LEU B 801 -11.07 -35.70 17.49
N LYS B 802 -11.51 -34.56 16.98
CA LYS B 802 -12.49 -33.80 17.70
C LYS B 802 -13.91 -34.38 17.66
N ARG B 803 -14.40 -34.79 16.50
CA ARG B 803 -15.76 -35.32 16.41
C ARG B 803 -15.95 -36.82 16.37
N LYS B 804 -14.97 -37.56 15.86
CA LYS B 804 -15.10 -39.01 15.79
C LYS B 804 -13.76 -39.61 16.22
N PRO B 805 -13.49 -39.58 17.53
CA PRO B 805 -12.25 -40.10 18.10
C PRO B 805 -11.95 -41.57 17.79
N ASP B 806 -12.95 -42.43 18.01
CA ASP B 806 -12.81 -43.86 17.77
C ASP B 806 -12.19 -44.21 16.43
N LEU B 807 -12.39 -43.36 15.44
CA LEU B 807 -11.82 -43.56 14.12
C LEU B 807 -10.33 -43.93 14.17
N PHE B 808 -9.66 -43.54 15.26
CA PHE B 808 -8.23 -43.85 15.38
C PHE B 808 -7.99 -45.27 15.85
N LEU B 809 -9.09 -45.97 16.07
CA LEU B 809 -9.05 -47.34 16.51
C LEU B 809 -9.06 -48.28 15.31
N CYS B 810 -9.39 -47.75 14.14
CA CYS B 810 -9.42 -48.53 12.90
C CYS B 810 -8.09 -49.25 12.70
N GLU B 811 -8.16 -50.54 12.41
CA GLU B 811 -6.97 -51.38 12.21
C GLU B 811 -6.23 -51.05 10.93
N ARG B 812 -6.92 -50.44 9.98
CA ARG B 812 -6.30 -50.08 8.73
C ARG B 812 -5.54 -48.75 8.85
N LEU B 813 -5.75 -48.05 9.96
CA LEU B 813 -5.09 -46.76 10.21
C LEU B 813 -3.66 -46.89 10.76
N ASP B 814 -2.72 -46.14 10.19
CA ASP B 814 -1.32 -46.17 10.66
C ASP B 814 -1.10 -44.96 11.58
N VAL B 815 -1.47 -45.11 12.85
CA VAL B 815 -1.33 -44.04 13.83
C VAL B 815 0.12 -43.57 14.02
N LYS B 816 1.07 -44.50 13.96
CA LYS B 816 2.47 -44.13 14.12
C LYS B 816 2.98 -43.22 12.98
N ALA B 817 2.55 -43.50 11.76
CA ALA B 817 2.95 -42.74 10.57
C ALA B 817 2.34 -41.34 10.57
N VAL B 818 1.10 -41.26 11.02
CA VAL B 818 0.36 -40.01 11.12
C VAL B 818 1.06 -39.09 12.11
N PHE B 819 1.37 -39.63 13.28
CA PHE B 819 2.07 -38.87 14.32
C PHE B 819 3.43 -38.38 13.80
N GLN B 820 4.08 -39.20 12.97
CA GLN B 820 5.39 -38.92 12.38
C GLN B 820 5.31 -37.76 11.39
N CYS B 821 4.21 -37.74 10.66
CA CYS B 821 3.95 -36.75 9.64
C CYS B 821 3.68 -35.39 10.29
N ALA B 822 2.91 -35.42 11.37
CA ALA B 822 2.56 -34.21 12.10
C ALA B 822 3.80 -33.61 12.77
N VAL B 823 4.68 -34.45 13.28
CA VAL B 823 5.87 -33.95 13.94
C VAL B 823 6.82 -33.31 12.93
N LEU B 824 6.92 -33.88 11.75
CA LEU B 824 7.79 -33.33 10.73
C LEU B 824 7.20 -32.03 10.16
N ALA B 825 5.87 -31.96 10.09
CA ALA B 825 5.20 -30.78 9.57
C ALA B 825 5.46 -29.54 10.41
N LEU B 826 5.70 -29.71 11.70
CA LEU B 826 5.96 -28.59 12.58
C LEU B 826 7.18 -27.80 12.16
N LYS B 827 8.08 -28.46 11.43
CA LYS B 827 9.31 -27.84 10.99
C LYS B 827 9.25 -27.30 9.55
N PHE B 828 8.04 -27.21 8.99
CA PHE B 828 7.86 -26.67 7.64
C PHE B 828 7.92 -25.17 7.71
N PRO B 829 8.38 -24.53 6.62
CA PRO B 829 8.52 -23.08 6.49
C PRO B 829 7.20 -22.32 6.62
N GLU B 830 6.16 -22.87 6.00
CA GLU B 830 4.83 -22.25 6.00
C GLU B 830 4.10 -22.23 7.32
N ALA B 831 3.66 -21.04 7.72
CA ALA B 831 2.93 -20.90 8.96
C ALA B 831 1.62 -21.72 8.93
N PRO B 832 0.81 -21.57 7.85
CA PRO B 832 -0.47 -22.29 7.73
C PRO B 832 -0.27 -23.76 8.00
N THR B 833 0.72 -24.34 7.36
CA THR B 833 0.97 -25.76 7.57
C THR B 833 1.38 -26.11 9.00
N VAL B 834 2.10 -25.22 9.65
CA VAL B 834 2.53 -25.49 11.03
C VAL B 834 1.36 -25.34 11.99
N LYS B 835 0.62 -24.22 11.89
CA LYS B 835 -0.54 -23.99 12.75
C LYS B 835 -1.44 -25.21 12.74
N ALA B 836 -1.66 -25.75 11.54
CA ALA B 836 -2.49 -26.93 11.36
C ALA B 836 -1.92 -28.13 12.05
N SER B 837 -0.60 -28.27 12.05
CA SER B 837 0.00 -29.41 12.71
C SER B 837 -0.15 -29.27 14.22
N CYS B 838 0.09 -28.07 14.73
CA CYS B 838 -0.05 -27.79 16.15
C CYS B 838 -1.47 -28.11 16.56
N GLY B 839 -2.43 -27.74 15.69
CA GLY B 839 -3.84 -27.97 15.95
C GLY B 839 -4.20 -29.43 16.08
N PHE B 840 -3.48 -30.26 15.36
CA PHE B 840 -3.68 -31.70 15.39
C PHE B 840 -3.22 -32.20 16.76
N PHE B 841 -2.02 -31.82 17.19
CA PHE B 841 -1.52 -32.28 18.49
C PHE B 841 -2.37 -31.76 19.64
N THR B 842 -2.96 -30.59 19.45
CA THR B 842 -3.80 -29.96 20.46
C THR B 842 -5.00 -30.82 20.77
N GLU B 843 -5.52 -31.46 19.72
CA GLU B 843 -6.69 -32.33 19.82
C GLU B 843 -6.27 -33.75 20.15
N LEU B 844 -5.13 -34.17 19.61
CA LEU B 844 -4.60 -35.51 19.83
C LEU B 844 -4.37 -35.91 21.29
N LEU B 845 -3.70 -35.03 22.03
CA LEU B 845 -3.33 -35.29 23.42
C LEU B 845 -4.49 -35.48 24.36
N PRO B 846 -5.49 -34.60 24.30
CA PRO B 846 -6.59 -34.87 25.24
C PRO B 846 -7.19 -36.26 25.11
N ARG B 847 -6.91 -36.94 24.00
CA ARG B 847 -7.43 -38.30 23.79
C ARG B 847 -6.53 -39.35 24.43
N CYS B 848 -5.63 -38.90 25.30
CA CYS B 848 -4.75 -39.82 25.98
C CYS B 848 -5.51 -40.54 27.06
N GLY B 849 -5.47 -41.86 26.99
CA GLY B 849 -6.16 -42.66 27.98
C GLY B 849 -7.59 -42.90 27.59
N GLU B 850 -8.04 -42.18 26.57
CA GLU B 850 -9.41 -42.33 26.10
C GLU B 850 -9.42 -43.35 24.95
N VAL B 851 -8.38 -43.30 24.14
CA VAL B 851 -8.23 -44.20 22.99
C VAL B 851 -6.83 -44.82 23.15
N GLU B 852 -6.80 -46.15 23.17
CA GLU B 852 -5.58 -46.91 23.34
C GLU B 852 -4.48 -46.58 22.36
N SER B 853 -4.83 -46.50 21.09
CA SER B 853 -3.86 -46.23 20.04
C SER B 853 -3.13 -44.91 20.24
N VAL B 854 -3.87 -43.87 20.61
CA VAL B 854 -3.28 -42.55 20.81
C VAL B 854 -2.41 -42.49 22.04
N GLY B 855 -2.69 -43.38 22.99
CA GLY B 855 -1.92 -43.44 24.21
C GLY B 855 -0.58 -44.09 23.92
N LYS B 856 -0.59 -45.16 23.13
CA LYS B 856 0.64 -45.87 22.78
C LYS B 856 1.60 -44.98 22.02
N VAL B 857 1.07 -44.26 21.03
CA VAL B 857 1.93 -43.41 20.22
C VAL B 857 2.52 -42.26 21.01
N VAL B 858 1.73 -41.61 21.85
CA VAL B 858 2.29 -40.52 22.63
C VAL B 858 3.35 -41.05 23.59
N GLN B 859 3.14 -42.24 24.15
CA GLN B 859 4.12 -42.79 25.07
C GLN B 859 5.39 -43.23 24.33
N GLU B 860 5.21 -43.87 23.19
CA GLU B 860 6.31 -44.37 22.38
C GLU B 860 7.16 -43.29 21.69
N ASP B 861 6.50 -42.39 20.96
CA ASP B 861 7.24 -41.35 20.23
C ASP B 861 7.06 -39.92 20.69
N GLY B 862 6.36 -39.70 21.80
CA GLY B 862 6.19 -38.35 22.29
C GLY B 862 7.45 -37.54 22.54
N ARG B 863 8.56 -38.18 22.92
CA ARG B 863 9.79 -37.43 23.19
C ARG B 863 10.16 -36.66 21.92
N MET B 864 9.95 -37.33 20.79
CA MET B 864 10.21 -36.79 19.47
C MET B 864 9.45 -35.49 19.22
N LEU B 865 8.18 -35.49 19.66
CA LEU B 865 7.31 -34.32 19.53
C LEU B 865 7.86 -33.19 20.38
N LEU B 866 8.13 -33.49 21.65
CA LEU B 866 8.63 -32.46 22.55
C LEU B 866 9.91 -31.82 22.06
N ILE B 867 10.80 -32.63 21.51
CA ILE B 867 12.07 -32.12 21.01
C ILE B 867 11.85 -31.15 19.85
N ALA B 868 10.91 -31.50 18.99
CA ALA B 868 10.58 -30.65 17.84
C ALA B 868 10.02 -29.31 18.36
N VAL B 869 9.21 -29.39 19.43
CA VAL B 869 8.61 -28.21 20.04
C VAL B 869 9.66 -27.32 20.67
N LEU B 870 10.64 -27.90 21.35
CA LEU B 870 11.71 -27.10 21.94
C LEU B 870 12.61 -26.54 20.82
N GLU B 871 12.71 -27.24 19.69
CA GLU B 871 13.54 -26.71 18.62
C GLU B 871 12.91 -25.46 18.03
N ALA B 872 11.58 -25.48 17.99
CA ALA B 872 10.82 -24.37 17.47
C ALA B 872 10.96 -23.17 18.40
N ILE B 873 10.79 -23.42 19.69
CA ILE B 873 10.89 -22.37 20.69
C ILE B 873 12.33 -21.86 20.80
N GLY B 874 13.28 -22.77 20.61
CA GLY B 874 14.68 -22.38 20.65
C GLY B 874 15.01 -21.39 19.57
N GLY B 875 14.22 -21.39 18.50
CA GLY B 875 14.46 -20.43 17.44
C GLY B 875 14.16 -20.88 16.02
N GLN B 876 13.96 -22.17 15.80
CA GLN B 876 13.71 -22.69 14.47
C GLN B 876 12.35 -22.36 13.88
N ALA B 877 11.49 -21.73 14.68
CA ALA B 877 10.15 -21.38 14.20
C ALA B 877 9.91 -19.87 14.31
N SER B 878 9.06 -19.34 13.44
CA SER B 878 8.75 -17.91 13.47
C SER B 878 8.18 -17.59 14.84
N ARG B 879 8.48 -16.39 15.35
CA ARG B 879 8.01 -15.96 16.67
C ARG B 879 6.51 -15.87 16.66
N SER B 880 5.98 -15.76 15.45
CA SER B 880 4.55 -15.65 15.21
C SER B 880 3.79 -16.90 15.69
N LEU B 881 4.43 -18.06 15.56
CA LEU B 881 3.85 -19.35 15.95
C LEU B 881 4.11 -19.77 17.40
N MET B 882 4.76 -18.93 18.20
CA MET B 882 5.02 -19.32 19.58
C MET B 882 3.76 -19.71 20.35
N ASP B 883 2.70 -18.92 20.25
CA ASP B 883 1.49 -19.28 20.98
C ASP B 883 1.04 -20.66 20.63
N CYS B 884 1.20 -21.03 19.37
CA CYS B 884 0.78 -22.34 18.92
C CYS B 884 1.53 -23.44 19.60
N PHE B 885 2.84 -23.31 19.68
CA PHE B 885 3.66 -24.34 20.30
C PHE B 885 3.43 -24.42 21.80
N ALA B 886 3.07 -23.29 22.39
CA ALA B 886 2.80 -23.26 23.82
C ALA B 886 1.56 -24.10 24.09
N ASP B 887 0.63 -24.12 23.14
CA ASP B 887 -0.59 -24.91 23.31
C ASP B 887 -0.24 -26.39 23.42
N ILE B 888 0.74 -26.84 22.63
CA ILE B 888 1.16 -28.23 22.66
C ILE B 888 1.75 -28.56 24.03
N LEU B 889 2.48 -27.61 24.60
CA LEU B 889 3.08 -27.78 25.92
C LEU B 889 1.98 -27.85 26.99
N PHE B 890 1.03 -26.92 26.93
CA PHE B 890 -0.05 -26.91 27.89
C PHE B 890 -0.74 -28.29 27.86
N ALA B 891 -1.07 -28.75 26.68
CA ALA B 891 -1.73 -30.05 26.50
C ALA B 891 -0.94 -31.20 27.08
N LEU B 892 0.37 -31.14 26.96
CA LEU B 892 1.19 -32.20 27.51
C LEU B 892 1.23 -32.06 29.01
N ASN B 893 1.16 -30.83 29.52
CA ASN B 893 1.21 -30.59 30.97
C ASN B 893 -0.06 -31.13 31.64
N LYS B 894 -1.19 -30.90 31.00
CA LYS B 894 -2.45 -31.35 31.54
C LYS B 894 -2.76 -32.81 31.35
N HIS B 895 -2.36 -33.37 30.22
CA HIS B 895 -2.66 -34.76 29.93
C HIS B 895 -1.51 -35.72 30.02
N CYS B 896 -0.30 -35.25 29.78
CA CYS B 896 0.84 -36.15 29.84
C CYS B 896 1.89 -35.65 30.80
N PHE B 897 1.45 -35.17 31.95
CA PHE B 897 2.39 -34.62 32.93
C PHE B 897 3.55 -35.52 33.33
N SER B 898 3.23 -36.75 33.74
CA SER B 898 4.25 -37.69 34.17
C SER B 898 5.29 -37.87 33.08
N LEU B 899 4.85 -37.91 31.82
CA LEU B 899 5.76 -38.09 30.69
C LEU B 899 6.48 -36.81 30.36
N LEU B 900 5.76 -35.70 30.42
CA LEU B 900 6.32 -34.38 30.14
C LEU B 900 7.48 -34.10 31.09
N SER B 901 7.22 -34.33 32.37
CA SER B 901 8.18 -34.12 33.46
C SER B 901 9.47 -34.88 33.20
N MET B 902 9.32 -36.12 32.76
CA MET B 902 10.46 -36.99 32.46
C MET B 902 11.18 -36.54 31.19
N TRP B 903 10.42 -36.29 30.13
CA TRP B 903 11.00 -35.87 28.84
C TRP B 903 11.76 -34.54 28.91
N ILE B 904 11.16 -33.52 29.51
CA ILE B 904 11.82 -32.23 29.58
C ILE B 904 13.20 -32.28 30.22
N LYS B 905 13.35 -33.04 31.30
CA LYS B 905 14.63 -33.16 31.99
C LYS B 905 15.72 -33.80 31.11
N GLU B 906 15.33 -34.77 30.31
CA GLU B 906 16.27 -35.45 29.41
C GLU B 906 16.67 -34.55 28.24
N ALA B 907 15.66 -33.87 27.68
CA ALA B 907 15.84 -32.98 26.53
C ALA B 907 16.60 -31.70 26.78
N LEU B 908 16.69 -31.27 28.04
CA LEU B 908 17.41 -30.04 28.36
C LEU B 908 18.80 -30.30 28.96
N GLN B 909 19.07 -31.55 29.31
CA GLN B 909 20.37 -31.91 29.87
C GLN B 909 21.51 -31.48 28.95
N PRO B 910 21.38 -31.72 27.63
CA PRO B 910 22.44 -31.33 26.69
C PRO B 910 22.68 -29.82 26.68
N PRO B 911 23.95 -29.39 26.73
CA PRO B 911 24.23 -27.96 26.71
C PRO B 911 24.14 -27.43 25.29
N GLY B 912 23.65 -26.20 25.13
CA GLY B 912 23.53 -25.61 23.80
C GLY B 912 22.24 -25.92 23.05
N PHE B 913 21.35 -26.65 23.73
CA PHE B 913 20.06 -27.02 23.19
C PHE B 913 19.07 -26.69 24.30
N PRO B 914 17.92 -26.08 23.95
CA PRO B 914 17.51 -25.74 22.58
C PRO B 914 18.34 -24.62 21.94
N SER B 915 19.08 -23.88 22.76
CA SER B 915 19.89 -22.79 22.25
C SER B 915 21.24 -22.70 22.94
N ALA B 916 22.23 -22.19 22.21
CA ALA B 916 23.57 -22.04 22.75
C ALA B 916 23.60 -20.91 23.78
N ARG B 917 22.68 -19.94 23.64
CA ARG B 917 22.61 -18.80 24.54
C ARG B 917 22.07 -19.13 25.92
N LEU B 918 21.35 -20.23 26.03
CA LEU B 918 20.77 -20.61 27.31
C LEU B 918 21.77 -21.14 28.32
N SER B 919 21.73 -20.56 29.51
CA SER B 919 22.59 -20.96 30.61
C SER B 919 21.91 -22.13 31.28
N PRO B 920 22.67 -22.98 31.98
CA PRO B 920 22.06 -24.12 32.65
C PRO B 920 20.97 -23.65 33.60
N GLU B 921 21.21 -22.52 34.27
CA GLU B 921 20.26 -21.96 35.22
C GLU B 921 18.96 -21.59 34.54
N GLN B 922 19.09 -20.99 33.36
CA GLN B 922 17.94 -20.56 32.57
C GLN B 922 17.08 -21.76 32.19
N LYS B 923 17.73 -22.82 31.75
CA LYS B 923 17.03 -24.05 31.37
C LYS B 923 16.25 -24.60 32.55
N ASP B 924 16.85 -24.62 33.73
CA ASP B 924 16.21 -25.14 34.93
C ASP B 924 15.06 -24.24 35.36
N THR B 925 15.15 -22.95 35.04
CA THR B 925 14.10 -22.02 35.41
C THR B 925 12.86 -22.26 34.57
N PHE B 926 13.08 -22.55 33.30
CA PHE B 926 12.00 -22.81 32.36
C PHE B 926 11.34 -24.14 32.68
N SER B 927 12.13 -25.20 32.85
CA SER B 927 11.57 -26.50 33.12
C SER B 927 10.81 -26.52 34.45
N GLN B 928 11.29 -25.78 35.43
CA GLN B 928 10.59 -25.74 36.70
C GLN B 928 9.24 -25.04 36.49
N GLN B 929 9.22 -23.99 35.67
CA GLN B 929 7.99 -23.22 35.38
C GLN B 929 6.95 -23.99 34.58
N ILE B 930 7.42 -24.84 33.67
CA ILE B 930 6.55 -25.64 32.82
C ILE B 930 6.05 -26.89 33.51
N LEU B 931 6.82 -27.40 34.46
CA LEU B 931 6.42 -28.61 35.17
C LEU B 931 5.49 -28.34 36.34
N ARG B 932 4.95 -27.12 36.42
CA ARG B 932 4.00 -26.77 37.48
C ARG B 932 2.74 -27.54 37.12
N GLU B 933 2.13 -28.21 38.10
CA GLU B 933 0.93 -29.01 37.84
C GLU B 933 -0.33 -28.18 37.58
N ARG B 934 -0.32 -26.96 38.10
CA ARG B 934 -1.44 -26.03 37.95
C ARG B 934 -0.94 -24.79 37.23
N VAL B 935 -1.58 -24.43 36.13
CA VAL B 935 -1.18 -23.26 35.37
C VAL B 935 -2.27 -22.85 34.39
N ASN B 936 -2.53 -21.57 34.23
CA ASN B 936 -3.55 -21.19 33.26
C ASN B 936 -2.86 -21.11 31.91
N LYS B 937 -3.50 -21.68 30.89
CA LYS B 937 -2.95 -21.68 29.53
C LYS B 937 -2.45 -20.29 29.14
N ARG B 938 -3.02 -19.27 29.78
CA ARG B 938 -2.66 -17.90 29.50
C ARG B 938 -1.24 -17.60 29.97
N ARG B 939 -0.79 -18.35 30.99
CA ARG B 939 0.52 -18.21 31.59
C ARG B 939 1.59 -19.00 30.82
N VAL B 940 1.20 -20.16 30.30
CA VAL B 940 2.12 -21.00 29.53
C VAL B 940 2.64 -20.28 28.29
N LYS B 941 1.77 -19.48 27.67
CA LYS B 941 2.14 -18.72 26.49
C LYS B 941 3.16 -17.67 26.90
N GLU B 942 2.99 -17.16 28.11
CA GLU B 942 3.90 -16.14 28.65
C GLU B 942 5.30 -16.74 28.83
N MET B 943 5.37 -17.90 29.48
CA MET B 943 6.62 -18.60 29.74
C MET B 943 7.33 -18.86 28.43
N VAL B 944 6.59 -19.28 27.42
CA VAL B 944 7.20 -19.55 26.14
C VAL B 944 7.68 -18.25 25.51
N LYS B 945 6.92 -17.17 25.68
CA LYS B 945 7.32 -15.89 25.12
C LYS B 945 8.65 -15.43 25.70
N GLU B 946 8.71 -15.40 27.02
CA GLU B 946 9.91 -15.00 27.74
C GLU B 946 11.11 -15.86 27.37
N PHE B 947 10.91 -17.18 27.31
CA PHE B 947 11.97 -18.14 26.99
C PHE B 947 12.51 -18.06 25.56
N THR B 948 11.59 -17.98 24.61
CA THR B 948 11.94 -17.92 23.19
C THR B 948 12.75 -16.64 22.90
N LEU B 949 12.62 -15.62 23.75
CA LEU B 949 13.37 -14.37 23.54
C LEU B 949 14.81 -14.55 23.94
N LEU B 950 15.02 -15.30 25.01
CA LEU B 950 16.35 -15.57 25.50
C LEU B 950 17.11 -16.42 24.49
N CYS B 951 16.45 -17.44 23.95
CA CYS B 951 17.09 -18.33 22.99
C CYS B 951 17.57 -17.58 21.76
N ARG B 952 16.86 -16.51 21.41
CA ARG B 952 17.16 -15.72 20.23
C ARG B 952 17.97 -14.45 20.50
N GLY B 953 17.77 -13.82 21.66
CA GLY B 953 18.49 -12.59 21.98
C GLY B 953 17.65 -11.32 21.90
N LEU B 954 18.21 -10.23 22.09
#